data_8UDE
#
_entry.id   8UDE
#
_cell.length_a   135.802
_cell.length_b   135.802
_cell.length_c   191.998
_cell.angle_alpha   90.000
_cell.angle_beta   90.000
_cell.angle_gamma   120.000
#
_symmetry.space_group_name_H-M   'H 3'
#
loop_
_entity.id
_entity.type
_entity.pdbx_description
1 polymer Glutathione-S-Transferase
2 non-polymer GLUTATHIONE
3 non-polymer 'SULFATE ION'
4 water water
#
_entity_poly.entity_id   1
_entity_poly.type   'polypeptide(L)'
_entity_poly.pdbx_seq_one_letter_code
;MAPILGYWKIRGLCDPIRLLLAHTGQEYEMKEYSIGPEPGYDISEWLDEKFNLGLDFPNLPYYIDKDEGVKITQTVAIIR
YLARKHGLVGESDEETIKIEMVEQQAIELTLTCKRAFYSKDDDQFNQLKEEILTSFPRKLIDLAKFLGENQYIIGDRITY
VDFMLWSILDYLRLFEESLFDEASSLKDYLTRIESLPGIEKYRSSDDFKRLPITAPMAKFGGSIE
;
_entity_poly.pdbx_strand_id   A,B,C,D
#
# COMPACT_ATOMS: atom_id res chain seq x y z
N ALA A 2 17.07 -30.73 -4.26
CA ALA A 2 18.03 -29.66 -3.88
C ALA A 2 17.28 -28.45 -3.31
N PRO A 3 17.71 -27.88 -2.17
CA PRO A 3 17.11 -26.63 -1.70
C PRO A 3 17.27 -25.48 -2.71
N ILE A 4 16.36 -24.51 -2.62
CA ILE A 4 16.38 -23.37 -3.54
C ILE A 4 16.44 -22.08 -2.73
N LEU A 5 17.39 -21.20 -3.09
CA LEU A 5 17.48 -19.85 -2.56
C LEU A 5 17.13 -18.86 -3.67
N GLY A 6 16.12 -18.00 -3.40
CA GLY A 6 15.64 -17.07 -4.39
C GLY A 6 15.93 -15.65 -3.97
N TYR A 7 16.45 -14.85 -4.91
CA TYR A 7 16.77 -13.46 -4.62
C TYR A 7 16.99 -12.70 -5.93
N TRP A 8 17.11 -11.38 -5.79
CA TRP A 8 17.57 -10.50 -6.84
C TRP A 8 19.02 -10.83 -7.17
N LYS A 9 19.47 -10.29 -8.29
CA LYS A 9 20.81 -10.33 -8.79
C LYS A 9 21.63 -9.23 -8.15
N ILE A 10 21.64 -9.19 -6.82
CA ILE A 10 22.45 -8.22 -6.07
C ILE A 10 22.97 -8.96 -4.85
N ARG A 11 23.95 -8.37 -4.14
CA ARG A 11 24.40 -8.95 -2.89
C ARG A 11 23.32 -8.75 -1.83
N GLY A 12 23.02 -7.48 -1.55
CA GLY A 12 21.81 -7.07 -0.84
C GLY A 12 21.71 -7.70 0.55
N LEU A 13 20.47 -8.07 0.92
CA LEU A 13 20.14 -8.75 2.17
C LEU A 13 20.62 -10.18 2.21
N CYS A 14 20.80 -10.79 1.05
CA CYS A 14 20.98 -12.21 0.97
C CYS A 14 22.44 -12.62 1.12
N ASP A 15 23.33 -11.63 1.16
CA ASP A 15 24.78 -11.83 1.12
C ASP A 15 25.23 -12.73 2.26
N PRO A 16 24.84 -12.52 3.52
CA PRO A 16 25.31 -13.40 4.60
C PRO A 16 24.86 -14.85 4.45
N ILE A 17 23.66 -15.06 3.89
CA ILE A 17 23.18 -16.39 3.60
C ILE A 17 24.12 -17.08 2.59
N ARG A 18 24.44 -16.40 1.50
CA ARG A 18 25.27 -17.01 0.47
C ARG A 18 26.66 -17.27 1.01
N LEU A 19 27.16 -16.38 1.86
CA LEU A 19 28.48 -16.64 2.45
C LEU A 19 28.43 -17.88 3.36
N LEU A 20 27.35 -18.02 4.14
CA LEU A 20 27.22 -19.18 5.02
C LEU A 20 27.21 -20.46 4.19
N LEU A 21 26.45 -20.46 3.09
CA LEU A 21 26.34 -21.61 2.21
C LEU A 21 27.65 -21.87 1.49
N ALA A 22 28.40 -20.81 1.12
CA ALA A 22 29.71 -20.97 0.51
C ALA A 22 30.68 -21.58 1.52
N HIS A 23 30.68 -21.13 2.77
CA HIS A 23 31.61 -21.66 3.77
C HIS A 23 31.34 -23.14 4.04
N THR A 24 30.06 -23.54 4.13
CA THR A 24 29.70 -24.91 4.48
C THR A 24 29.76 -25.84 3.27
N GLY A 25 29.80 -25.29 2.08
CA GLY A 25 29.80 -26.10 0.87
C GLY A 25 28.46 -26.74 0.55
N GLN A 26 27.37 -26.26 1.16
CA GLN A 26 26.05 -26.91 0.95
C GLN A 26 25.57 -26.69 -0.49
N GLU A 27 25.19 -27.76 -1.21
CA GLU A 27 24.64 -27.60 -2.54
C GLU A 27 23.26 -26.93 -2.43
N TYR A 28 22.99 -26.01 -3.35
CA TYR A 28 21.69 -25.38 -3.47
C TYR A 28 21.58 -24.78 -4.86
N GLU A 29 20.35 -24.63 -5.35
CA GLU A 29 20.10 -23.91 -6.58
C GLU A 29 19.86 -22.44 -6.23
N MET A 30 20.59 -21.53 -6.90
CA MET A 30 20.32 -20.11 -6.78
C MET A 30 19.31 -19.68 -7.85
N LYS A 31 18.10 -19.31 -7.44
CA LYS A 31 17.08 -18.81 -8.36
C LYS A 31 17.13 -17.28 -8.34
N GLU A 32 17.49 -16.66 -9.49
CA GLU A 32 17.68 -15.23 -9.54
C GLU A 32 16.58 -14.54 -10.34
N TYR A 33 16.12 -13.40 -9.80
CA TYR A 33 15.06 -12.58 -10.40
C TYR A 33 15.71 -11.28 -10.91
N SER A 34 15.54 -11.02 -12.19
CA SER A 34 16.15 -9.82 -12.75
C SER A 34 15.29 -8.59 -12.41
N ILE A 35 15.95 -7.43 -12.38
CA ILE A 35 15.32 -6.13 -12.33
C ILE A 35 15.56 -5.41 -13.65
N GLY A 36 14.49 -5.03 -14.34
CA GLY A 36 14.62 -4.35 -15.63
C GLY A 36 15.23 -2.95 -15.45
N PRO A 37 15.61 -2.29 -16.56
CA PRO A 37 16.28 -0.99 -16.48
C PRO A 37 15.35 0.13 -16.01
N GLU A 38 15.93 1.27 -15.64
CA GLU A 38 15.20 2.51 -15.41
C GLU A 38 14.37 2.86 -16.66
N PRO A 39 13.21 3.54 -16.53
CA PRO A 39 12.67 3.99 -15.24
C PRO A 39 11.64 3.09 -14.57
N GLY A 40 11.29 1.99 -15.26
CA GLY A 40 10.20 1.12 -14.85
C GLY A 40 10.64 -0.03 -13.93
N TYR A 41 11.94 -0.40 -13.96
CA TYR A 41 12.49 -1.36 -13.02
C TYR A 41 11.63 -2.63 -12.96
N ASP A 42 11.37 -3.21 -14.13
CA ASP A 42 10.46 -4.33 -14.25
C ASP A 42 10.92 -5.50 -13.37
N ILE A 43 9.96 -6.06 -12.60
CA ILE A 43 10.22 -7.21 -11.74
C ILE A 43 9.22 -8.32 -12.03
N SER A 44 8.90 -8.53 -13.31
CA SER A 44 7.75 -9.36 -13.68
C SER A 44 8.03 -10.83 -13.36
N GLU A 45 9.31 -11.24 -13.49
CA GLU A 45 9.71 -12.60 -13.20
C GLU A 45 9.31 -12.95 -11.77
N TRP A 46 9.57 -12.04 -10.83
CA TRP A 46 9.27 -12.27 -9.42
C TRP A 46 7.75 -12.30 -9.18
N LEU A 47 7.03 -11.34 -9.73
CA LEU A 47 5.59 -11.26 -9.50
C LEU A 47 4.86 -12.50 -10.05
N ASP A 48 5.42 -13.12 -11.10
CA ASP A 48 4.83 -14.31 -11.71
C ASP A 48 4.89 -15.53 -10.78
N GLU A 49 5.82 -15.54 -9.80
CA GLU A 49 5.97 -16.66 -8.87
C GLU A 49 5.60 -16.25 -7.44
N LYS A 50 5.61 -14.94 -7.13
CA LYS A 50 5.47 -14.42 -5.77
C LYS A 50 4.31 -15.04 -5.00
N PHE A 51 3.17 -15.23 -5.66
CA PHE A 51 1.93 -15.68 -5.01
C PHE A 51 1.79 -17.20 -5.16
N ASN A 52 2.67 -17.81 -5.96
CA ASN A 52 2.51 -19.18 -6.40
C ASN A 52 3.44 -20.10 -5.63
N LEU A 53 4.16 -19.59 -4.62
CA LEU A 53 5.21 -20.39 -4.01
C LEU A 53 4.82 -20.92 -2.63
N GLY A 54 3.64 -20.53 -2.17
CA GLY A 54 3.10 -21.01 -0.90
C GLY A 54 3.80 -20.37 0.31
N LEU A 55 4.39 -19.19 0.09
CA LEU A 55 5.10 -18.43 1.10
C LEU A 55 4.11 -17.67 1.99
N ASP A 56 4.37 -17.65 3.29
CA ASP A 56 3.53 -16.98 4.25
C ASP A 56 3.70 -15.47 4.11
N PHE A 57 4.97 -15.04 4.01
CA PHE A 57 5.32 -13.63 3.91
C PHE A 57 6.12 -13.44 2.62
N PRO A 58 5.44 -13.33 1.46
CA PRO A 58 6.11 -13.52 0.18
C PRO A 58 7.11 -12.39 0.04
N ASN A 59 8.37 -12.73 -0.10
CA ASN A 59 9.41 -11.72 -0.19
C ASN A 59 10.68 -12.38 -0.70
N LEU A 60 11.65 -11.56 -1.10
CA LEU A 60 12.97 -12.08 -1.37
C LEU A 60 13.96 -11.58 -0.31
N PRO A 61 14.89 -12.41 0.21
CA PRO A 61 15.04 -13.80 -0.22
C PRO A 61 13.99 -14.79 0.31
N TYR A 62 13.83 -15.90 -0.42
CA TYR A 62 13.14 -17.06 0.10
C TYR A 62 14.08 -18.27 0.07
N TYR A 63 13.76 -19.25 0.91
CA TYR A 63 14.49 -20.51 0.96
C TYR A 63 13.44 -21.61 1.02
N ILE A 64 13.51 -22.51 0.04
CA ILE A 64 12.57 -23.60 -0.07
C ILE A 64 13.34 -24.91 -0.18
N ASP A 65 12.90 -25.92 0.55
CA ASP A 65 13.49 -27.25 0.46
C ASP A 65 12.37 -28.26 0.58
N LYS A 66 11.83 -28.72 -0.57
CA LYS A 66 10.70 -29.63 -0.64
C LYS A 66 10.92 -30.86 0.22
N ASP A 67 12.13 -31.41 0.17
CA ASP A 67 12.45 -32.66 0.84
C ASP A 67 12.33 -32.51 2.36
N GLU A 68 12.81 -31.38 2.88
CA GLU A 68 12.76 -31.11 4.32
C GLU A 68 11.43 -30.48 4.73
N GLY A 69 10.61 -30.13 3.74
CA GLY A 69 9.29 -29.55 3.98
C GLY A 69 9.39 -28.14 4.57
N VAL A 70 10.38 -27.35 4.16
CA VAL A 70 10.51 -26.00 4.69
C VAL A 70 10.32 -24.98 3.57
N LYS A 71 9.71 -23.86 3.97
CA LYS A 71 9.51 -22.69 3.13
C LYS A 71 9.69 -21.48 4.04
N ILE A 72 10.69 -20.65 3.74
CA ILE A 72 11.14 -19.60 4.65
C ILE A 72 11.36 -18.32 3.88
N THR A 73 10.92 -17.20 4.48
CA THR A 73 11.27 -15.85 3.95
C THR A 73 11.87 -15.16 5.18
N GLN A 74 12.28 -13.88 5.09
CA GLN A 74 12.94 -13.17 6.23
C GLN A 74 14.39 -13.66 6.36
N THR A 75 15.37 -12.83 5.96
CA THR A 75 16.80 -13.23 5.94
C THR A 75 17.26 -13.85 7.27
N VAL A 76 16.93 -13.25 8.40
CA VAL A 76 17.45 -13.73 9.69
C VAL A 76 16.85 -15.09 10.03
N ALA A 77 15.57 -15.32 9.67
CA ALA A 77 14.98 -16.63 9.93
C ALA A 77 15.65 -17.68 9.06
N ILE A 78 15.98 -17.30 7.82
CA ILE A 78 16.64 -18.22 6.93
C ILE A 78 18.01 -18.54 7.50
N ILE A 79 18.75 -17.51 7.92
CA ILE A 79 20.14 -17.74 8.25
C ILE A 79 20.24 -18.53 9.55
N ARG A 80 19.25 -18.34 10.45
CA ARG A 80 19.29 -19.08 11.72
C ARG A 80 18.94 -20.54 11.46
N TYR A 81 17.94 -20.78 10.62
CA TYR A 81 17.61 -22.12 10.18
C TYR A 81 18.87 -22.84 9.68
N LEU A 82 19.61 -22.19 8.75
CA LEU A 82 20.81 -22.77 8.16
C LEU A 82 21.91 -22.94 9.20
N ALA A 83 22.01 -22.01 10.15
CA ALA A 83 23.01 -22.11 11.18
C ALA A 83 22.75 -23.36 12.05
N ARG A 84 21.50 -23.59 12.44
CA ARG A 84 21.18 -24.72 13.29
C ARG A 84 21.50 -26.02 12.54
N LYS A 85 21.19 -26.07 11.25
CA LYS A 85 21.39 -27.25 10.42
C LYS A 85 22.87 -27.56 10.30
N HIS A 86 23.73 -26.53 10.23
CA HIS A 86 25.16 -26.67 9.92
C HIS A 86 26.01 -26.55 11.20
N GLY A 87 25.36 -26.41 12.37
CA GLY A 87 26.07 -26.38 13.63
C GLY A 87 26.81 -25.05 13.88
N LEU A 88 26.38 -23.96 13.26
CA LEU A 88 27.01 -22.64 13.39
C LEU A 88 26.25 -21.77 14.39
N VAL A 89 25.88 -22.35 15.54
CA VAL A 89 25.20 -21.69 16.63
C VAL A 89 26.02 -21.91 17.90
N GLY A 90 25.59 -21.26 19.00
CA GLY A 90 26.21 -21.42 20.29
C GLY A 90 26.08 -22.85 20.81
N GLU A 91 27.10 -23.32 21.55
CA GLU A 91 27.10 -24.63 22.18
C GLU A 91 26.93 -24.47 23.69
N SER A 92 26.65 -23.25 24.14
CA SER A 92 26.19 -22.98 25.50
C SER A 92 25.37 -21.68 25.46
N ASP A 93 24.59 -21.45 26.51
CA ASP A 93 23.74 -20.26 26.62
C ASP A 93 24.64 -19.03 26.60
N GLU A 94 25.83 -19.10 27.19
CA GLU A 94 26.76 -17.99 27.26
C GLU A 94 27.18 -17.55 25.86
N GLU A 95 27.56 -18.52 24.98
CA GLU A 95 27.86 -18.26 23.59
C GLU A 95 26.63 -17.69 22.87
N THR A 96 25.45 -18.25 23.12
CA THR A 96 24.24 -17.84 22.42
C THR A 96 23.92 -16.39 22.73
N ILE A 97 24.06 -15.99 24.00
CA ILE A 97 23.84 -14.61 24.39
C ILE A 97 24.78 -13.68 23.60
N LYS A 98 26.06 -14.06 23.51
CA LYS A 98 27.01 -13.22 22.80
C LYS A 98 26.66 -13.14 21.32
N ILE A 99 26.32 -14.28 20.72
CA ILE A 99 25.95 -14.32 19.32
C ILE A 99 24.75 -13.41 19.07
N GLU A 100 23.77 -13.44 19.97
CA GLU A 100 22.54 -12.74 19.69
C GLU A 100 22.71 -11.25 19.95
N MET A 101 23.59 -10.84 20.89
CA MET A 101 23.85 -9.42 21.07
C MET A 101 24.47 -8.89 19.78
N VAL A 102 25.48 -9.60 19.26
CA VAL A 102 26.19 -9.12 18.09
C VAL A 102 25.24 -9.14 16.90
N GLU A 103 24.33 -10.10 16.87
CA GLU A 103 23.40 -10.28 15.76
C GLU A 103 22.52 -9.03 15.64
N GLN A 104 22.04 -8.52 16.78
CA GLN A 104 21.19 -7.33 16.77
C GLN A 104 21.99 -6.09 16.36
N GLN A 105 23.26 -6.06 16.75
CA GLN A 105 24.13 -4.93 16.32
C GLN A 105 24.29 -5.01 14.80
N ALA A 106 24.45 -6.22 14.25
CA ALA A 106 24.68 -6.35 12.83
C ALA A 106 23.43 -5.94 12.08
N ILE A 107 22.27 -6.35 12.60
CA ILE A 107 21.00 -6.01 12.01
C ILE A 107 20.81 -4.50 12.01
N GLU A 108 21.18 -3.80 13.09
CA GLU A 108 20.95 -2.36 13.16
C GLU A 108 21.81 -1.67 12.09
N LEU A 109 23.10 -2.03 12.01
CA LEU A 109 24.00 -1.50 11.00
C LEU A 109 23.39 -1.70 9.61
N THR A 110 22.89 -2.91 9.36
CA THR A 110 22.41 -3.32 8.05
C THR A 110 21.18 -2.52 7.66
N LEU A 111 20.25 -2.34 8.62
CA LEU A 111 18.98 -1.68 8.33
C LEU A 111 19.19 -0.19 8.18
N THR A 112 20.12 0.39 8.94
CA THR A 112 20.45 1.80 8.72
C THR A 112 21.04 1.97 7.32
N CYS A 113 21.95 1.07 6.90
CA CYS A 113 22.57 1.20 5.58
C CYS A 113 21.52 1.01 4.49
N LYS A 114 20.65 0.02 4.65
CA LYS A 114 19.56 -0.21 3.71
C LYS A 114 18.79 1.08 3.47
N ARG A 115 18.44 1.81 4.55
CA ARG A 115 17.65 3.02 4.41
C ARG A 115 18.48 4.10 3.73
N ALA A 116 19.78 4.18 4.04
CA ALA A 116 20.65 5.19 3.43
C ALA A 116 20.80 4.95 1.93
N PHE A 117 21.15 3.71 1.60
CA PHE A 117 21.50 3.33 0.23
C PHE A 117 20.30 3.51 -0.71
N TYR A 118 19.07 3.32 -0.21
CA TYR A 118 17.89 3.45 -1.05
C TYR A 118 17.16 4.77 -0.79
N SER A 119 17.84 5.75 -0.23
CA SER A 119 17.23 7.06 0.00
C SER A 119 16.62 7.63 -1.28
N LYS A 120 15.50 8.35 -1.12
CA LYS A 120 14.78 8.93 -2.29
C LYS A 120 15.59 10.05 -2.93
N ASP A 121 15.93 11.09 -2.16
CA ASP A 121 16.65 12.26 -2.72
C ASP A 121 17.96 12.49 -1.96
N ASP A 122 18.89 13.24 -2.55
CA ASP A 122 20.19 13.52 -1.89
C ASP A 122 19.93 14.07 -0.48
N ASP A 123 18.86 14.86 -0.31
CA ASP A 123 18.54 15.35 1.02
C ASP A 123 18.54 14.20 2.03
N GLN A 124 17.73 13.18 1.75
CA GLN A 124 17.53 12.05 2.63
C GLN A 124 18.83 11.26 2.78
N PHE A 125 19.58 11.15 1.67
CA PHE A 125 20.82 10.39 1.59
C PHE A 125 21.89 11.03 2.47
N ASN A 126 22.07 12.35 2.34
CA ASN A 126 23.14 13.04 3.10
C ASN A 126 22.78 13.04 4.60
N GLN A 127 21.49 13.07 4.91
CA GLN A 127 21.03 13.03 6.32
C GLN A 127 21.48 11.70 6.95
N LEU A 128 21.23 10.59 6.26
CA LEU A 128 21.56 9.25 6.81
C LEU A 128 23.07 9.03 6.71
N LYS A 129 23.72 9.59 5.67
CA LYS A 129 25.16 9.50 5.59
C LYS A 129 25.75 10.14 6.83
N GLU A 130 25.26 11.34 7.18
CA GLU A 130 25.76 12.03 8.36
C GLU A 130 25.61 11.13 9.59
N GLU A 131 24.46 10.49 9.72
CA GLU A 131 24.17 9.64 10.85
C GLU A 131 25.22 8.53 10.87
N ILE A 132 25.50 7.90 9.72
CA ILE A 132 26.46 6.80 9.61
C ILE A 132 27.87 7.24 10.03
N LEU A 133 28.34 8.36 9.47
CA LEU A 133 29.69 8.83 9.73
C LEU A 133 29.85 9.26 11.19
N THR A 134 28.75 9.62 11.84
CA THR A 134 28.73 10.18 13.18
C THR A 134 28.62 9.05 14.21
N SER A 135 27.74 8.09 14.00
CA SER A 135 27.40 7.12 15.03
C SER A 135 28.20 5.84 14.83
N PHE A 136 28.58 5.50 13.59
CA PHE A 136 29.15 4.16 13.37
C PHE A 136 30.55 3.98 13.95
N PRO A 137 31.46 4.99 13.92
CA PRO A 137 32.78 4.80 14.50
C PRO A 137 32.74 4.24 15.93
N ARG A 138 31.87 4.79 16.77
CA ARG A 138 31.72 4.26 18.15
C ARG A 138 31.28 2.80 18.11
N LYS A 139 30.32 2.47 17.24
CA LYS A 139 29.79 1.11 17.19
C LYS A 139 30.85 0.12 16.72
N LEU A 140 31.77 0.55 15.84
CA LEU A 140 32.82 -0.30 15.33
C LEU A 140 33.87 -0.49 16.42
N ILE A 141 34.12 0.58 17.20
CA ILE A 141 35.02 0.46 18.34
C ILE A 141 34.48 -0.56 19.35
N ASP A 142 33.19 -0.48 19.66
CA ASP A 142 32.58 -1.41 20.60
C ASP A 142 32.67 -2.86 20.08
N LEU A 143 32.45 -3.06 18.78
CA LEU A 143 32.60 -4.37 18.15
C LEU A 143 34.04 -4.86 18.23
N ALA A 144 35.01 -4.00 17.97
CA ALA A 144 36.40 -4.38 18.02
C ALA A 144 36.75 -4.80 19.43
N LYS A 145 36.31 -4.00 20.42
CA LYS A 145 36.58 -4.29 21.83
C LYS A 145 35.95 -5.64 22.21
N PHE A 146 34.77 -5.95 21.70
CA PHE A 146 34.11 -7.22 22.00
C PHE A 146 34.89 -8.36 21.36
N LEU A 147 35.34 -8.21 20.11
CA LEU A 147 36.08 -9.25 19.41
C LEU A 147 37.40 -9.53 20.11
N GLY A 148 38.05 -8.47 20.63
CA GLY A 148 39.32 -8.61 21.34
C GLY A 148 40.37 -9.25 20.46
N GLU A 149 41.07 -10.23 21.03
CA GLU A 149 42.09 -11.01 20.34
C GLU A 149 41.49 -12.27 19.70
N ASN A 150 40.18 -12.42 19.74
CA ASN A 150 39.52 -13.60 19.18
C ASN A 150 39.60 -13.59 17.66
N GLN A 151 39.49 -14.79 17.09
CA GLN A 151 39.43 -15.02 15.67
C GLN A 151 38.04 -14.64 15.13
N TYR A 152 37.00 -15.06 15.87
CA TYR A 152 35.60 -14.79 15.54
C TYR A 152 34.89 -14.29 16.79
N ILE A 153 33.59 -13.97 16.65
CA ILE A 153 32.82 -13.30 17.69
C ILE A 153 32.85 -14.06 19.01
N ILE A 154 32.59 -15.37 19.00
CA ILE A 154 32.57 -16.17 20.21
C ILE A 154 33.93 -16.82 20.42
N GLY A 155 34.97 -16.45 19.64
CA GLY A 155 36.29 -17.00 19.91
C GLY A 155 36.80 -17.83 18.76
N ASP A 156 37.09 -19.09 19.05
CA ASP A 156 37.81 -19.97 18.16
C ASP A 156 36.90 -20.48 17.05
N ARG A 157 35.59 -20.49 17.28
CA ARG A 157 34.71 -21.17 16.36
C ARG A 157 33.86 -20.13 15.62
N ILE A 158 33.77 -20.25 14.30
CA ILE A 158 32.98 -19.34 13.52
C ILE A 158 31.51 -19.75 13.65
N THR A 159 30.64 -18.74 13.64
CA THR A 159 29.22 -18.91 13.80
C THR A 159 28.49 -17.99 12.83
N TYR A 160 27.15 -18.10 12.77
CA TYR A 160 26.43 -17.50 11.67
C TYR A 160 26.60 -15.98 11.70
N VAL A 161 26.75 -15.39 12.90
CA VAL A 161 26.79 -13.95 13.02
C VAL A 161 28.06 -13.39 12.38
N ASP A 162 29.12 -14.19 12.29
CA ASP A 162 30.35 -13.75 11.66
C ASP A 162 30.06 -13.41 10.20
N PHE A 163 29.20 -14.20 9.54
CA PHE A 163 28.79 -13.92 8.19
C PHE A 163 27.95 -12.64 8.12
N MET A 164 27.02 -12.41 9.04
CA MET A 164 26.20 -11.19 9.06
C MET A 164 27.09 -9.96 9.29
N LEU A 165 28.05 -10.08 10.21
CA LEU A 165 28.91 -8.95 10.52
C LEU A 165 29.84 -8.66 9.34
N TRP A 166 30.42 -9.72 8.77
CA TRP A 166 31.39 -9.57 7.68
C TRP A 166 30.72 -8.82 6.53
N SER A 167 29.50 -9.25 6.20
CA SER A 167 28.76 -8.69 5.10
C SER A 167 28.58 -7.17 5.26
N ILE A 168 28.08 -6.72 6.43
CA ILE A 168 27.78 -5.32 6.59
C ILE A 168 29.08 -4.52 6.73
N LEU A 169 30.13 -5.06 7.36
CA LEU A 169 31.41 -4.38 7.39
C LEU A 169 31.98 -4.26 5.98
N ASP A 170 31.78 -5.28 5.13
CA ASP A 170 32.28 -5.22 3.77
C ASP A 170 31.58 -4.10 3.00
N TYR A 171 30.25 -3.97 3.20
CA TYR A 171 29.50 -2.88 2.57
C TYR A 171 29.99 -1.53 3.05
N LEU A 172 30.27 -1.38 4.36
CA LEU A 172 30.67 -0.10 4.92
C LEU A 172 32.06 0.30 4.40
N ARG A 173 32.98 -0.67 4.33
CA ARG A 173 34.30 -0.47 3.77
C ARG A 173 34.19 0.07 2.34
N LEU A 174 33.24 -0.45 1.56
CA LEU A 174 33.05 -0.03 0.18
C LEU A 174 32.36 1.32 0.11
N PHE A 175 31.54 1.63 1.13
CA PHE A 175 30.77 2.87 1.21
C PHE A 175 31.67 4.01 1.66
N GLU A 176 32.42 3.81 2.74
CA GLU A 176 33.33 4.82 3.26
C GLU A 176 34.52 4.14 3.94
N GLU A 177 35.63 4.01 3.21
CA GLU A 177 36.79 3.24 3.65
C GLU A 177 37.38 3.79 4.95
N SER A 178 37.31 5.12 5.17
CA SER A 178 37.94 5.73 6.32
C SER A 178 37.29 5.28 7.63
N LEU A 179 36.05 4.73 7.58
CA LEU A 179 35.48 4.10 8.76
C LEU A 179 36.41 2.97 9.23
N PHE A 180 37.17 2.35 8.32
CA PHE A 180 38.00 1.18 8.71
C PHE A 180 39.43 1.22 8.17
N ASP A 181 39.84 2.23 7.40
CA ASP A 181 41.16 2.18 6.77
C ASP A 181 42.25 1.91 7.82
N GLU A 182 42.17 2.62 8.95
CA GLU A 182 43.19 2.40 9.97
C GLU A 182 42.60 1.58 11.12
N ALA A 183 41.31 1.16 11.02
CA ALA A 183 40.62 0.33 12.01
C ALA A 183 41.09 -1.14 12.00
N SER A 184 42.21 -1.40 12.69
CA SER A 184 43.09 -2.49 12.32
C SER A 184 42.45 -3.86 12.57
N SER A 185 41.84 -4.01 13.75
CA SER A 185 41.35 -5.29 14.23
C SER A 185 40.21 -5.80 13.34
N LEU A 186 39.34 -4.89 12.91
CA LEU A 186 38.22 -5.28 12.07
C LEU A 186 38.68 -5.61 10.66
N LYS A 187 39.76 -4.97 10.18
CA LYS A 187 40.33 -5.29 8.89
C LYS A 187 40.90 -6.72 8.93
N ASP A 188 41.62 -7.06 10.00
CA ASP A 188 42.10 -8.41 10.15
C ASP A 188 40.94 -9.42 10.18
N TYR A 189 39.83 -9.04 10.82
CA TYR A 189 38.64 -9.87 10.88
C TYR A 189 38.06 -10.10 9.48
N LEU A 190 37.97 -9.03 8.70
CA LEU A 190 37.48 -9.13 7.32
C LEU A 190 38.39 -10.07 6.53
N THR A 191 39.72 -9.88 6.63
CA THR A 191 40.69 -10.65 5.89
C THR A 191 40.59 -12.13 6.27
N ARG A 192 40.47 -12.39 7.59
CA ARG A 192 40.43 -13.74 8.11
C ARG A 192 39.23 -14.50 7.54
N ILE A 193 38.07 -13.85 7.51
CA ILE A 193 36.82 -14.54 7.04
C ILE A 193 36.89 -14.72 5.52
N GLU A 194 37.37 -13.71 4.78
CA GLU A 194 37.50 -13.80 3.31
C GLU A 194 38.44 -14.95 2.95
N SER A 195 39.45 -15.21 3.79
CA SER A 195 40.48 -16.23 3.45
C SER A 195 39.97 -17.66 3.68
N LEU A 196 38.82 -17.83 4.35
CA LEU A 196 38.30 -19.18 4.52
C LEU A 196 38.01 -19.78 3.14
N PRO A 197 38.40 -21.05 2.86
CA PRO A 197 38.37 -21.54 1.48
C PRO A 197 37.02 -21.45 0.79
N GLY A 198 35.92 -21.71 1.48
CA GLY A 198 34.65 -21.69 0.78
C GLY A 198 34.25 -20.28 0.34
N ILE A 199 34.54 -19.29 1.18
CA ILE A 199 34.22 -17.88 0.92
C ILE A 199 35.13 -17.30 -0.16
N GLU A 200 36.42 -17.63 -0.10
CA GLU A 200 37.40 -17.25 -1.12
C GLU A 200 36.97 -17.73 -2.49
N LYS A 201 36.49 -18.99 -2.55
CA LYS A 201 36.02 -19.58 -3.79
C LYS A 201 34.77 -18.84 -4.27
N TYR A 202 33.86 -18.52 -3.36
CA TYR A 202 32.65 -17.80 -3.74
C TYR A 202 33.02 -16.39 -4.21
N ARG A 203 33.83 -15.65 -3.46
CA ARG A 203 34.11 -14.24 -3.81
C ARG A 203 34.94 -14.13 -5.08
N SER A 204 35.68 -15.18 -5.43
CA SER A 204 36.48 -15.10 -6.65
C SER A 204 35.70 -15.68 -7.84
N SER A 205 34.48 -16.16 -7.63
CA SER A 205 33.65 -16.65 -8.74
C SER A 205 33.00 -15.49 -9.53
N ASP A 206 32.73 -15.73 -10.81
CA ASP A 206 32.11 -14.69 -11.68
C ASP A 206 30.71 -14.34 -11.19
N ASP A 207 29.94 -15.34 -10.72
CA ASP A 207 28.54 -15.10 -10.27
C ASP A 207 28.53 -14.01 -9.19
N PHE A 208 29.52 -14.00 -8.30
CA PHE A 208 29.59 -12.99 -7.21
C PHE A 208 30.11 -11.65 -7.77
N LYS A 209 31.12 -11.71 -8.64
CA LYS A 209 31.75 -10.49 -9.13
C LYS A 209 30.81 -9.65 -10.00
N ARG A 210 29.78 -10.27 -10.63
CA ARG A 210 28.77 -9.54 -11.38
C ARG A 210 27.61 -9.04 -10.50
N LEU A 211 27.68 -9.24 -9.17
CA LEU A 211 26.62 -8.77 -8.31
C LEU A 211 26.95 -7.35 -7.82
N PRO A 212 26.11 -6.32 -8.11
CA PRO A 212 26.18 -5.07 -7.37
C PRO A 212 25.74 -5.33 -5.92
N ILE A 213 26.06 -4.38 -5.03
CA ILE A 213 25.55 -4.43 -3.65
C ILE A 213 24.04 -4.22 -3.62
N THR A 214 23.54 -3.23 -4.38
CA THR A 214 22.14 -2.83 -4.26
C THR A 214 21.44 -2.98 -5.60
N ALA A 215 20.11 -2.85 -5.58
CA ALA A 215 19.33 -2.75 -6.80
C ALA A 215 19.62 -1.42 -7.49
N PRO A 216 19.35 -1.28 -8.81
CA PRO A 216 19.84 -0.12 -9.59
C PRO A 216 19.30 1.26 -9.18
N MET A 217 18.17 1.30 -8.45
CA MET A 217 17.55 2.58 -8.10
C MET A 217 18.25 3.18 -6.90
N ALA A 218 19.17 2.43 -6.26
CA ALA A 218 19.86 2.90 -5.07
C ALA A 218 20.71 4.13 -5.35
N LYS A 219 20.91 4.96 -4.32
CA LYS A 219 21.85 6.08 -4.37
C LYS A 219 23.29 5.58 -4.25
N PHE A 220 23.50 4.43 -3.58
CA PHE A 220 24.84 3.85 -3.51
C PHE A 220 24.78 2.36 -3.83
N GLY A 221 25.77 1.89 -4.59
CA GLY A 221 26.08 0.46 -4.68
C GLY A 221 25.34 -0.24 -5.82
N GLY A 222 24.72 0.56 -6.69
CA GLY A 222 23.82 0.07 -7.71
C GLY A 222 24.49 -0.59 -8.92
N SER A 223 25.81 -0.37 -9.09
CA SER A 223 26.58 -1.03 -10.14
C SER A 223 27.87 -1.64 -9.56
N ILE A 224 28.49 -2.55 -10.34
CA ILE A 224 29.83 -3.05 -10.01
C ILE A 224 30.86 -1.94 -10.26
N ALA B 2 -43.22 -3.47 -20.38
CA ALA B 2 -42.19 -3.72 -19.34
C ALA B 2 -40.83 -3.20 -19.82
N PRO B 3 -40.07 -2.46 -18.98
CA PRO B 3 -38.69 -2.10 -19.33
C PRO B 3 -37.81 -3.32 -19.56
N ILE B 4 -36.75 -3.12 -20.35
CA ILE B 4 -35.85 -4.20 -20.73
C ILE B 4 -34.42 -3.81 -20.32
N LEU B 5 -33.77 -4.72 -19.60
CA LEU B 5 -32.35 -4.63 -19.28
C LEU B 5 -31.57 -5.71 -20.04
N GLY B 6 -30.59 -5.25 -20.82
CA GLY B 6 -29.85 -6.16 -21.70
C GLY B 6 -28.39 -6.26 -21.29
N TYR B 7 -27.88 -7.48 -21.22
CA TYR B 7 -26.50 -7.70 -20.82
C TYR B 7 -26.08 -9.12 -21.15
N TRP B 8 -24.77 -9.38 -21.00
CA TRP B 8 -24.19 -10.71 -21.03
C TRP B 8 -24.72 -11.52 -19.87
N LYS B 9 -24.48 -12.84 -19.97
CA LYS B 9 -24.79 -13.78 -18.92
C LYS B 9 -23.63 -13.84 -17.94
N ILE B 10 -23.29 -12.67 -17.37
CA ILE B 10 -22.29 -12.56 -16.32
C ILE B 10 -22.81 -11.51 -15.35
N ARG B 11 -22.20 -11.42 -14.17
CA ARG B 11 -22.56 -10.38 -13.22
C ARG B 11 -21.98 -9.07 -13.73
N GLY B 12 -20.66 -9.02 -13.90
CA GLY B 12 -19.97 -8.00 -14.69
C GLY B 12 -20.25 -6.59 -14.18
N LEU B 13 -20.43 -5.65 -15.13
CA LEU B 13 -20.75 -4.25 -14.87
C LEU B 13 -22.19 -4.07 -14.42
N CYS B 14 -23.05 -5.02 -14.76
CA CYS B 14 -24.48 -4.83 -14.67
C CYS B 14 -25.00 -5.18 -13.26
N ASP B 15 -24.14 -5.76 -12.43
CA ASP B 15 -24.51 -6.34 -11.17
C ASP B 15 -25.18 -5.31 -10.26
N PRO B 16 -24.64 -4.09 -10.06
CA PRO B 16 -25.30 -3.11 -9.21
C PRO B 16 -26.70 -2.70 -9.69
N ILE B 17 -26.90 -2.65 -10.99
CA ILE B 17 -28.21 -2.35 -11.55
C ILE B 17 -29.20 -3.44 -11.15
N ARG B 18 -28.83 -4.70 -11.35
CA ARG B 18 -29.72 -5.80 -11.03
C ARG B 18 -30.01 -5.84 -9.55
N LEU B 19 -29.02 -5.50 -8.72
CA LEU B 19 -29.26 -5.47 -7.28
C LEU B 19 -30.27 -4.37 -6.94
N LEU B 20 -30.10 -3.20 -7.53
CA LEU B 20 -31.02 -2.09 -7.28
C LEU B 20 -32.47 -2.50 -7.63
N LEU B 21 -32.64 -3.16 -8.79
CA LEU B 21 -33.93 -3.58 -9.27
C LEU B 21 -34.49 -4.69 -8.39
N ALA B 22 -33.61 -5.58 -7.89
CA ALA B 22 -34.03 -6.64 -6.98
C ALA B 22 -34.51 -6.04 -5.67
N HIS B 23 -33.77 -5.06 -5.12
CA HIS B 23 -34.17 -4.43 -3.86
C HIS B 23 -35.51 -3.72 -3.97
N THR B 24 -35.77 -3.01 -5.07
CA THR B 24 -36.97 -2.20 -5.23
C THR B 24 -38.15 -3.06 -5.70
N GLY B 25 -37.90 -4.25 -6.20
CA GLY B 25 -38.99 -5.08 -6.71
C GLY B 25 -39.50 -4.67 -8.07
N GLN B 26 -38.81 -3.77 -8.79
CA GLN B 26 -39.36 -3.29 -10.05
C GLN B 26 -39.39 -4.43 -11.06
N GLU B 27 -40.50 -4.53 -11.80
CA GLU B 27 -40.62 -5.49 -12.87
C GLU B 27 -39.77 -5.06 -14.06
N TYR B 28 -39.10 -6.02 -14.68
CA TYR B 28 -38.35 -5.81 -15.89
C TYR B 28 -38.10 -7.15 -16.56
N GLU B 29 -37.91 -7.12 -17.88
CA GLU B 29 -37.45 -8.29 -18.61
C GLU B 29 -35.93 -8.20 -18.70
N MET B 30 -35.26 -9.29 -18.33
CA MET B 30 -33.83 -9.43 -18.54
C MET B 30 -33.57 -10.07 -19.91
N LYS B 31 -32.96 -9.30 -20.83
CA LYS B 31 -32.55 -9.83 -22.12
C LYS B 31 -31.07 -10.22 -22.04
N GLU B 32 -30.77 -11.51 -22.21
CA GLU B 32 -29.40 -12.00 -22.04
C GLU B 32 -28.78 -12.40 -23.37
N TYR B 33 -27.50 -12.02 -23.55
CA TYR B 33 -26.75 -12.32 -24.76
C TYR B 33 -25.68 -13.36 -24.43
N SER B 34 -25.70 -14.49 -25.13
CA SER B 34 -24.70 -15.50 -24.88
C SER B 34 -23.39 -15.12 -25.57
N ILE B 35 -22.29 -15.66 -25.02
CA ILE B 35 -20.97 -15.59 -25.63
C ILE B 35 -20.57 -16.99 -26.09
N GLY B 36 -20.22 -17.12 -27.37
CA GLY B 36 -19.76 -18.38 -27.92
C GLY B 36 -18.44 -18.86 -27.29
N PRO B 37 -18.03 -20.11 -27.54
CA PRO B 37 -16.84 -20.68 -26.89
C PRO B 37 -15.56 -20.08 -27.45
N GLU B 38 -14.45 -20.37 -26.76
CA GLU B 38 -13.11 -20.09 -27.27
C GLU B 38 -12.92 -20.80 -28.62
N PRO B 39 -12.07 -20.29 -29.53
CA PRO B 39 -11.30 -19.06 -29.32
C PRO B 39 -11.90 -17.76 -29.86
N GLY B 40 -13.04 -17.87 -30.55
CA GLY B 40 -13.64 -16.73 -31.24
C GLY B 40 -14.65 -15.94 -30.41
N TYR B 41 -15.22 -16.55 -29.35
CA TYR B 41 -16.09 -15.85 -28.41
C TYR B 41 -17.21 -15.13 -29.17
N ASP B 42 -17.92 -15.88 -30.01
CA ASP B 42 -18.95 -15.33 -30.87
C ASP B 42 -20.01 -14.61 -30.04
N ILE B 43 -20.38 -13.42 -30.49
CA ILE B 43 -21.40 -12.60 -29.84
C ILE B 43 -22.49 -12.20 -30.83
N SER B 44 -22.89 -13.12 -31.70
CA SER B 44 -23.73 -12.80 -32.84
C SER B 44 -25.13 -12.37 -32.39
N GLU B 45 -25.62 -12.94 -31.29
CA GLU B 45 -26.92 -12.60 -30.72
C GLU B 45 -26.98 -11.08 -30.48
N TRP B 46 -25.91 -10.53 -29.89
CA TRP B 46 -25.83 -9.11 -29.58
C TRP B 46 -25.74 -8.26 -30.85
N LEU B 47 -24.86 -8.65 -31.77
CA LEU B 47 -24.65 -7.88 -33.00
C LEU B 47 -25.93 -7.81 -33.83
N ASP B 48 -26.80 -8.84 -33.73
CA ASP B 48 -28.04 -8.89 -34.49
C ASP B 48 -29.04 -7.83 -34.02
N GLU B 49 -28.91 -7.34 -32.77
CA GLU B 49 -29.80 -6.31 -32.25
C GLU B 49 -29.08 -4.96 -32.06
N LYS B 50 -27.74 -4.99 -31.93
CA LYS B 50 -26.93 -3.87 -31.48
C LYS B 50 -27.26 -2.55 -32.19
N PHE B 51 -27.48 -2.62 -33.51
CA PHE B 51 -27.65 -1.45 -34.35
C PHE B 51 -29.14 -1.14 -34.53
N ASN B 52 -30.01 -2.04 -34.05
CA ASN B 52 -31.43 -2.02 -34.35
C ASN B 52 -32.20 -1.50 -33.14
N LEU B 53 -31.50 -1.02 -32.10
CA LEU B 53 -32.16 -0.69 -30.85
C LEU B 53 -32.23 0.82 -30.65
N GLY B 54 -31.61 1.58 -31.55
CA GLY B 54 -31.74 3.04 -31.54
C GLY B 54 -30.95 3.69 -30.41
N LEU B 55 -29.90 2.97 -29.95
CA LEU B 55 -29.01 3.40 -28.87
C LEU B 55 -27.99 4.41 -29.39
N ASP B 56 -27.72 5.45 -28.60
CA ASP B 56 -26.78 6.48 -28.99
C ASP B 56 -25.36 5.95 -28.93
N PHE B 57 -25.08 5.20 -27.85
CA PHE B 57 -23.78 4.59 -27.61
C PHE B 57 -24.01 3.10 -27.45
N PRO B 58 -24.11 2.35 -28.58
CA PRO B 58 -24.58 0.98 -28.52
C PRO B 58 -23.60 0.19 -27.69
N ASN B 59 -24.06 -0.40 -26.59
CA ASN B 59 -23.18 -1.15 -25.71
C ASN B 59 -24.05 -1.92 -24.71
N LEU B 60 -23.42 -2.86 -24.02
CA LEU B 60 -24.08 -3.54 -22.92
C LEU B 60 -23.44 -3.14 -21.59
N PRO B 61 -24.22 -2.87 -20.52
CA PRO B 61 -25.69 -3.03 -20.55
C PRO B 61 -26.45 -1.90 -21.23
N TYR B 62 -27.68 -2.22 -21.65
CA TYR B 62 -28.63 -1.18 -22.05
C TYR B 62 -29.89 -1.29 -21.19
N TYR B 63 -30.61 -0.17 -21.13
CA TYR B 63 -31.91 -0.11 -20.47
C TYR B 63 -32.85 0.65 -21.38
N ILE B 64 -33.94 -0.01 -21.78
CA ILE B 64 -34.91 0.62 -22.71
C ILE B 64 -36.33 0.48 -22.13
N ASP B 65 -37.04 1.60 -22.00
CA ASP B 65 -38.46 1.55 -21.52
C ASP B 65 -39.30 2.37 -22.50
N LYS B 66 -40.04 1.69 -23.39
CA LYS B 66 -40.84 2.39 -24.43
C LYS B 66 -41.89 3.28 -23.75
N ASP B 67 -42.61 2.74 -22.76
CA ASP B 67 -43.68 3.52 -22.09
C ASP B 67 -43.12 4.86 -21.61
N GLU B 68 -41.89 4.87 -21.11
CA GLU B 68 -41.31 6.09 -20.58
C GLU B 68 -40.52 6.84 -21.65
N GLY B 69 -40.32 6.20 -22.80
CA GLY B 69 -39.57 6.79 -23.89
C GLY B 69 -38.08 7.00 -23.55
N VAL B 70 -37.49 6.06 -22.84
CA VAL B 70 -36.08 6.17 -22.49
C VAL B 70 -35.30 5.00 -23.12
N LYS B 71 -34.06 5.31 -23.46
CA LYS B 71 -33.10 4.38 -24.04
C LYS B 71 -31.74 4.83 -23.49
N ILE B 72 -31.08 3.96 -22.71
CA ILE B 72 -29.89 4.33 -21.96
C ILE B 72 -28.85 3.23 -22.11
N THR B 73 -27.60 3.63 -22.40
CA THR B 73 -26.43 2.83 -22.07
C THR B 73 -25.55 3.58 -21.07
N GLN B 74 -24.44 2.95 -20.66
CA GLN B 74 -23.53 3.51 -19.60
C GLN B 74 -24.07 3.05 -18.24
N THR B 75 -23.40 2.11 -17.57
CA THR B 75 -23.88 1.53 -16.34
C THR B 75 -24.32 2.59 -15.34
N VAL B 76 -23.48 3.61 -15.16
CA VAL B 76 -23.69 4.63 -14.13
C VAL B 76 -24.89 5.50 -14.53
N ALA B 77 -25.08 5.79 -15.81
CA ALA B 77 -26.21 6.61 -16.22
C ALA B 77 -27.50 5.81 -16.00
N ILE B 78 -27.43 4.49 -16.23
CA ILE B 78 -28.61 3.68 -16.01
C ILE B 78 -28.94 3.69 -14.54
N ILE B 79 -27.93 3.50 -13.69
CA ILE B 79 -28.21 3.27 -12.29
C ILE B 79 -28.70 4.56 -11.66
N ARG B 80 -28.22 5.72 -12.16
CA ARG B 80 -28.62 6.99 -11.58
C ARG B 80 -30.05 7.28 -12.02
N TYR B 81 -30.38 7.00 -13.29
CA TYR B 81 -31.74 7.11 -13.78
C TYR B 81 -32.68 6.33 -12.85
N LEU B 82 -32.35 5.05 -12.58
CA LEU B 82 -33.17 4.18 -11.74
C LEU B 82 -33.22 4.70 -10.31
N ALA B 83 -32.09 5.22 -9.82
CA ALA B 83 -32.06 5.76 -8.48
C ALA B 83 -33.05 6.93 -8.33
N ARG B 84 -33.07 7.85 -9.31
CA ARG B 84 -33.94 9.01 -9.20
C ARG B 84 -35.39 8.55 -9.22
N LYS B 85 -35.71 7.57 -10.06
CA LYS B 85 -37.06 7.06 -10.21
C LYS B 85 -37.53 6.41 -8.90
N HIS B 86 -36.63 5.72 -8.17
CA HIS B 86 -36.96 4.92 -7.00
C HIS B 86 -36.62 5.66 -5.69
N GLY B 87 -36.13 6.91 -5.80
CA GLY B 87 -35.86 7.74 -4.63
C GLY B 87 -34.62 7.31 -3.86
N LEU B 88 -33.65 6.67 -4.54
CA LEU B 88 -32.42 6.19 -3.91
C LEU B 88 -31.27 7.15 -4.19
N VAL B 89 -31.53 8.45 -4.01
CA VAL B 89 -30.56 9.52 -4.18
C VAL B 89 -30.56 10.33 -2.89
N GLY B 90 -29.65 11.31 -2.83
CA GLY B 90 -29.58 12.24 -1.73
C GLY B 90 -30.84 13.10 -1.64
N GLU B 91 -31.24 13.46 -0.41
CA GLU B 91 -32.36 14.34 -0.13
C GLU B 91 -31.87 15.73 0.28
N SER B 92 -30.57 15.95 0.24
CA SER B 92 -29.93 17.24 0.43
C SER B 92 -28.59 17.20 -0.32
N ASP B 93 -28.04 18.39 -0.56
CA ASP B 93 -26.77 18.55 -1.27
C ASP B 93 -25.69 17.84 -0.47
N GLU B 94 -25.75 17.90 0.85
CA GLU B 94 -24.79 17.27 1.73
C GLU B 94 -24.71 15.75 1.49
N GLU B 95 -25.86 15.08 1.44
CA GLU B 95 -25.94 13.65 1.14
C GLU B 95 -25.45 13.37 -0.28
N THR B 96 -25.81 14.24 -1.25
CA THR B 96 -25.46 14.03 -2.64
C THR B 96 -23.94 14.05 -2.81
N ILE B 97 -23.28 14.99 -2.13
CA ILE B 97 -21.84 15.10 -2.16
C ILE B 97 -21.22 13.81 -1.65
N LYS B 98 -21.73 13.30 -0.52
CA LYS B 98 -21.21 12.06 0.02
C LYS B 98 -21.40 10.89 -0.95
N ILE B 99 -22.59 10.78 -1.50
CA ILE B 99 -22.88 9.70 -2.41
C ILE B 99 -21.93 9.77 -3.61
N GLU B 100 -21.67 10.97 -4.12
CA GLU B 100 -20.94 11.06 -5.38
C GLU B 100 -19.44 10.86 -5.12
N MET B 101 -18.92 11.25 -3.95
CA MET B 101 -17.54 10.91 -3.60
C MET B 101 -17.40 9.38 -3.57
N VAL B 102 -18.30 8.68 -2.87
CA VAL B 102 -18.17 7.24 -2.74
C VAL B 102 -18.37 6.57 -4.10
N GLU B 103 -19.21 7.18 -4.94
CA GLU B 103 -19.50 6.64 -6.27
C GLU B 103 -18.23 6.56 -7.11
N GLN B 104 -17.43 7.63 -7.06
CA GLN B 104 -16.18 7.69 -7.80
C GLN B 104 -15.18 6.69 -7.26
N GLN B 105 -15.12 6.53 -5.94
CA GLN B 105 -14.30 5.48 -5.36
C GLN B 105 -14.73 4.13 -5.92
N ALA B 106 -16.05 3.86 -5.95
CA ALA B 106 -16.50 2.54 -6.36
C ALA B 106 -16.11 2.29 -7.83
N ILE B 107 -16.28 3.33 -8.65
CA ILE B 107 -15.92 3.24 -10.05
C ILE B 107 -14.42 2.96 -10.21
N GLU B 108 -13.57 3.62 -9.42
CA GLU B 108 -12.13 3.42 -9.55
C GLU B 108 -11.78 1.96 -9.24
N LEU B 109 -12.29 1.43 -8.12
CA LEU B 109 -12.08 0.05 -7.72
C LEU B 109 -12.52 -0.89 -8.85
N THR B 110 -13.68 -0.59 -9.43
CA THR B 110 -14.30 -1.46 -10.44
C THR B 110 -13.44 -1.51 -11.70
N LEU B 111 -12.93 -0.35 -12.14
CA LEU B 111 -12.21 -0.26 -13.39
C LEU B 111 -10.82 -0.85 -13.21
N THR B 112 -10.21 -0.69 -12.04
CA THR B 112 -8.95 -1.38 -11.79
C THR B 112 -9.15 -2.90 -11.82
N CYS B 113 -10.23 -3.42 -11.19
CA CYS B 113 -10.49 -4.85 -11.18
C CYS B 113 -10.75 -5.36 -12.59
N LYS B 114 -11.56 -4.61 -13.36
CA LYS B 114 -11.82 -4.94 -14.74
C LYS B 114 -10.52 -5.17 -15.49
N ARG B 115 -9.51 -4.30 -15.33
CA ARG B 115 -8.27 -4.44 -16.07
C ARG B 115 -7.49 -5.67 -15.59
N ALA B 116 -7.53 -5.94 -14.28
CA ALA B 116 -6.83 -7.09 -13.74
C ALA B 116 -7.46 -8.40 -14.24
N PHE B 117 -8.78 -8.47 -14.09
CA PHE B 117 -9.54 -9.69 -14.37
C PHE B 117 -9.41 -10.08 -15.85
N TYR B 118 -9.31 -9.09 -16.74
CA TYR B 118 -9.24 -9.37 -18.17
C TYR B 118 -7.81 -9.20 -18.70
N SER B 119 -6.81 -9.34 -17.83
CA SER B 119 -5.42 -9.30 -18.25
C SER B 119 -5.14 -10.30 -19.37
N LYS B 120 -4.20 -9.94 -20.26
CA LYS B 120 -3.90 -10.82 -21.42
C LYS B 120 -3.05 -12.02 -20.98
N ASP B 121 -2.03 -11.79 -20.16
CA ASP B 121 -1.11 -12.89 -19.77
C ASP B 121 -0.89 -12.89 -18.25
N ASP B 122 -0.36 -13.99 -17.71
CA ASP B 122 -0.08 -14.09 -16.25
C ASP B 122 0.85 -12.94 -15.86
N ASP B 123 1.79 -12.56 -16.74
CA ASP B 123 2.64 -11.43 -16.44
C ASP B 123 1.81 -10.21 -16.03
N GLN B 124 0.87 -9.81 -16.91
CA GLN B 124 0.04 -8.63 -16.72
C GLN B 124 -0.89 -8.81 -15.52
N PHE B 125 -1.38 -10.04 -15.32
CA PHE B 125 -2.29 -10.38 -14.25
C PHE B 125 -1.61 -10.25 -12.89
N ASN B 126 -0.40 -10.81 -12.78
CA ASN B 126 0.27 -10.81 -11.49
C ASN B 126 0.74 -9.39 -11.18
N GLN B 127 1.09 -8.59 -12.22
CA GLN B 127 1.42 -7.18 -12.02
C GLN B 127 0.23 -6.43 -11.41
N LEU B 128 -0.97 -6.59 -11.98
CA LEU B 128 -2.13 -5.82 -11.53
C LEU B 128 -2.64 -6.38 -10.21
N LYS B 129 -2.45 -7.69 -9.99
CA LYS B 129 -2.78 -8.27 -8.69
C LYS B 129 -1.92 -7.60 -7.63
N GLU B 130 -0.61 -7.50 -7.91
CA GLU B 130 0.30 -6.89 -6.96
C GLU B 130 -0.16 -5.47 -6.60
N GLU B 131 -0.57 -4.71 -7.63
CA GLU B 131 -1.02 -3.35 -7.45
C GLU B 131 -2.22 -3.35 -6.52
N ILE B 132 -3.18 -4.26 -6.77
CA ILE B 132 -4.40 -4.33 -5.96
C ILE B 132 -4.09 -4.68 -4.50
N LEU B 133 -3.26 -5.69 -4.26
CA LEU B 133 -2.94 -6.13 -2.90
C LEU B 133 -2.13 -5.07 -2.16
N THR B 134 -1.47 -4.16 -2.88
CA THR B 134 -0.64 -3.10 -2.32
C THR B 134 -1.51 -1.86 -2.00
N SER B 135 -2.38 -1.45 -2.92
CA SER B 135 -3.08 -0.18 -2.81
C SER B 135 -4.47 -0.34 -2.19
N PHE B 136 -5.13 -1.47 -2.39
CA PHE B 136 -6.54 -1.57 -1.98
C PHE B 136 -6.77 -1.63 -0.47
N PRO B 137 -5.92 -2.29 0.34
CA PRO B 137 -6.12 -2.26 1.79
C PRO B 137 -6.34 -0.85 2.36
N ARG B 138 -5.50 0.10 1.95
CA ARG B 138 -5.69 1.49 2.36
C ARG B 138 -7.07 2.01 1.93
N LYS B 139 -7.46 1.73 0.70
CA LYS B 139 -8.73 2.23 0.15
C LYS B 139 -9.93 1.64 0.91
N LEU B 140 -9.82 0.38 1.35
CA LEU B 140 -10.87 -0.26 2.10
C LEU B 140 -10.94 0.33 3.50
N ILE B 141 -9.77 0.63 4.09
CA ILE B 141 -9.73 1.31 5.37
C ILE B 141 -10.43 2.67 5.27
N ASP B 142 -10.14 3.44 4.23
CA ASP B 142 -10.70 4.77 4.11
C ASP B 142 -12.22 4.67 3.96
N LEU B 143 -12.70 3.68 3.18
CA LEU B 143 -14.13 3.43 3.05
C LEU B 143 -14.75 3.03 4.37
N ALA B 144 -14.10 2.15 5.14
CA ALA B 144 -14.62 1.74 6.44
C ALA B 144 -14.72 2.94 7.36
N LYS B 145 -13.69 3.79 7.38
CA LYS B 145 -13.68 5.00 8.19
C LYS B 145 -14.82 5.93 7.79
N PHE B 146 -15.10 6.05 6.49
CA PHE B 146 -16.20 6.88 6.01
C PHE B 146 -17.52 6.30 6.49
N LEU B 147 -17.71 4.97 6.38
CA LEU B 147 -18.96 4.33 6.73
C LEU B 147 -19.22 4.48 8.23
N GLY B 148 -18.15 4.41 9.04
CA GLY B 148 -18.25 4.54 10.49
C GLY B 148 -19.19 3.50 11.08
N GLU B 149 -20.07 3.99 11.97
CA GLU B 149 -21.12 3.19 12.59
C GLU B 149 -22.41 3.19 11.79
N ASN B 150 -22.40 3.79 10.61
CA ASN B 150 -23.59 3.86 9.80
C ASN B 150 -23.97 2.50 9.23
N GLN B 151 -25.23 2.37 8.87
CA GLN B 151 -25.78 1.19 8.21
C GLN B 151 -25.40 1.20 6.72
N TYR B 152 -25.54 2.38 6.10
CA TYR B 152 -25.23 2.61 4.70
C TYR B 152 -24.35 3.85 4.59
N ILE B 153 -23.93 4.16 3.36
CA ILE B 153 -23.03 5.26 3.08
C ILE B 153 -23.53 6.58 3.63
N ILE B 154 -24.81 6.95 3.43
CA ILE B 154 -25.30 8.23 3.93
C ILE B 154 -25.98 8.05 5.29
N GLY B 155 -25.84 6.87 5.92
CA GLY B 155 -26.44 6.69 7.22
C GLY B 155 -27.54 5.65 7.19
N ASP B 156 -28.73 6.09 7.57
CA ASP B 156 -29.85 5.22 7.86
C ASP B 156 -30.51 4.77 6.57
N ARG B 157 -30.33 5.50 5.46
CA ARG B 157 -31.13 5.24 4.29
C ARG B 157 -30.24 4.70 3.19
N ILE B 158 -30.65 3.62 2.54
CA ILE B 158 -29.85 3.02 1.49
C ILE B 158 -30.05 3.83 0.21
N THR B 159 -28.98 3.95 -0.58
CA THR B 159 -28.97 4.71 -1.82
C THR B 159 -28.21 3.94 -2.89
N TYR B 160 -28.18 4.46 -4.12
CA TYR B 160 -27.76 3.65 -5.24
C TYR B 160 -26.31 3.22 -5.09
N VAL B 161 -25.49 4.04 -4.45
N VAL B 161 -25.49 4.05 -4.45
CA VAL B 161 -24.07 3.77 -4.40
CA VAL B 161 -24.06 3.79 -4.37
C VAL B 161 -23.79 2.58 -3.48
C VAL B 161 -23.80 2.58 -3.48
N ASP B 162 -24.71 2.27 -2.55
CA ASP B 162 -24.55 1.10 -1.70
C ASP B 162 -24.53 -0.14 -2.57
N PHE B 163 -25.33 -0.15 -3.64
CA PHE B 163 -25.33 -1.25 -4.58
C PHE B 163 -24.02 -1.32 -5.37
N MET B 164 -23.48 -0.18 -5.80
CA MET B 164 -22.22 -0.14 -6.54
C MET B 164 -21.09 -0.63 -5.64
N LEU B 165 -21.09 -0.19 -4.39
CA LEU B 165 -20.01 -0.54 -3.49
C LEU B 165 -20.11 -2.01 -3.13
N TRP B 166 -21.31 -2.49 -2.85
CA TRP B 166 -21.51 -3.87 -2.45
C TRP B 166 -20.96 -4.78 -3.54
N SER B 167 -21.34 -4.48 -4.79
CA SER B 167 -20.94 -5.26 -5.92
C SER B 167 -19.42 -5.43 -6.02
N ILE B 168 -18.67 -4.32 -5.95
CA ILE B 168 -17.24 -4.39 -6.15
C ILE B 168 -16.57 -5.02 -4.93
N LEU B 169 -17.09 -4.77 -3.71
CA LEU B 169 -16.56 -5.44 -2.53
C LEU B 169 -16.81 -6.95 -2.62
N ASP B 170 -17.97 -7.34 -3.16
CA ASP B 170 -18.27 -8.77 -3.29
C ASP B 170 -17.28 -9.41 -4.25
N TYR B 171 -16.97 -8.72 -5.38
CA TYR B 171 -15.98 -9.24 -6.33
C TYR B 171 -14.60 -9.38 -5.67
N LEU B 172 -14.19 -8.37 -4.87
CA LEU B 172 -12.89 -8.37 -4.24
C LEU B 172 -12.77 -9.49 -3.21
N ARG B 173 -13.81 -9.69 -2.41
CA ARG B 173 -13.91 -10.76 -1.43
C ARG B 173 -13.69 -12.10 -2.13
N LEU B 174 -14.26 -12.28 -3.31
CA LEU B 174 -14.17 -13.54 -4.04
C LEU B 174 -12.79 -13.66 -4.69
N PHE B 175 -12.17 -12.52 -5.01
CA PHE B 175 -10.87 -12.47 -5.67
C PHE B 175 -9.78 -12.73 -4.65
N GLU B 176 -9.81 -12.00 -3.53
CA GLU B 176 -8.82 -12.18 -2.48
C GLU B 176 -9.46 -11.94 -1.12
N GLU B 177 -9.89 -13.02 -0.46
CA GLU B 177 -10.66 -12.97 0.78
C GLU B 177 -9.92 -12.23 1.88
N SER B 178 -8.58 -12.33 1.92
CA SER B 178 -7.81 -11.74 3.00
C SER B 178 -7.88 -10.20 2.99
N LEU B 179 -8.26 -9.59 1.86
CA LEU B 179 -8.55 -8.16 1.83
C LEU B 179 -9.67 -7.87 2.84
N PHE B 180 -10.56 -8.85 3.09
CA PHE B 180 -11.73 -8.59 3.97
C PHE B 180 -11.96 -9.64 5.06
N ASP B 181 -11.24 -10.76 5.02
CA ASP B 181 -11.47 -11.86 5.99
C ASP B 181 -11.61 -11.29 7.40
N GLU B 182 -10.83 -10.26 7.73
CA GLU B 182 -10.86 -9.67 9.10
C GLU B 182 -11.34 -8.22 9.02
N ALA B 183 -11.85 -7.79 7.86
CA ALA B 183 -12.42 -6.43 7.75
C ALA B 183 -13.84 -6.46 8.33
N SER B 184 -13.97 -6.39 9.65
CA SER B 184 -15.30 -6.58 10.29
C SER B 184 -16.34 -5.58 9.75
N SER B 185 -16.04 -4.28 9.76
CA SER B 185 -17.05 -3.27 9.37
C SER B 185 -17.58 -3.54 7.95
N LEU B 186 -16.69 -3.70 6.98
CA LEU B 186 -17.14 -3.89 5.61
C LEU B 186 -17.81 -5.25 5.44
N LYS B 187 -17.39 -6.27 6.22
CA LYS B 187 -18.05 -7.57 6.19
C LYS B 187 -19.49 -7.43 6.69
N ASP B 188 -19.67 -6.70 7.81
CA ASP B 188 -21.00 -6.41 8.29
C ASP B 188 -21.83 -5.68 7.25
N TYR B 189 -21.19 -4.74 6.50
CA TYR B 189 -21.87 -4.00 5.45
C TYR B 189 -22.35 -4.92 4.35
N LEU B 190 -21.46 -5.83 3.91
CA LEU B 190 -21.83 -6.80 2.89
C LEU B 190 -23.00 -7.64 3.37
N THR B 191 -22.94 -8.13 4.61
CA THR B 191 -23.97 -9.01 5.17
C THR B 191 -25.29 -8.26 5.25
N ARG B 192 -25.24 -7.01 5.72
CA ARG B 192 -26.44 -6.20 5.91
C ARG B 192 -27.17 -5.99 4.58
N ILE B 193 -26.43 -5.71 3.51
CA ILE B 193 -27.09 -5.42 2.25
C ILE B 193 -27.61 -6.70 1.59
N GLU B 194 -26.83 -7.78 1.65
CA GLU B 194 -27.27 -9.10 1.10
C GLU B 194 -28.54 -9.57 1.81
N SER B 195 -28.74 -9.17 3.06
CA SER B 195 -29.85 -9.65 3.86
C SER B 195 -31.13 -8.88 3.57
N LEU B 196 -31.06 -7.76 2.85
CA LEU B 196 -32.30 -7.07 2.45
C LEU B 196 -33.15 -8.00 1.59
N PRO B 197 -34.48 -8.12 1.83
CA PRO B 197 -35.27 -9.19 1.22
C PRO B 197 -35.18 -9.32 -0.30
N GLY B 198 -35.16 -8.21 -1.01
CA GLY B 198 -35.21 -8.35 -2.46
C GLY B 198 -33.88 -8.89 -3.02
N ILE B 199 -32.77 -8.49 -2.39
CA ILE B 199 -31.42 -8.90 -2.78
C ILE B 199 -31.18 -10.37 -2.43
N GLU B 200 -31.62 -10.78 -1.23
CA GLU B 200 -31.54 -12.15 -0.76
C GLU B 200 -32.27 -13.07 -1.73
N LYS B 201 -33.45 -12.64 -2.18
CA LYS B 201 -34.26 -13.38 -3.13
C LYS B 201 -33.52 -13.47 -4.48
N TYR B 202 -32.92 -12.39 -4.92
CA TYR B 202 -32.18 -12.39 -6.16
C TYR B 202 -30.94 -13.29 -6.02
N ARG B 203 -30.12 -13.15 -4.97
CA ARG B 203 -28.87 -13.90 -4.88
C ARG B 203 -29.12 -15.39 -4.63
N SER B 204 -30.30 -15.74 -4.11
CA SER B 204 -30.58 -17.16 -3.91
C SER B 204 -31.33 -17.74 -5.11
N SER B 205 -31.59 -16.94 -6.17
CA SER B 205 -32.25 -17.43 -7.38
C SER B 205 -31.25 -18.16 -8.27
N ASP B 206 -31.75 -19.11 -9.07
CA ASP B 206 -30.87 -19.88 -9.99
C ASP B 206 -30.32 -18.96 -11.08
N ASP B 207 -31.09 -17.93 -11.46
CA ASP B 207 -30.66 -17.00 -12.53
C ASP B 207 -29.34 -16.31 -12.14
N PHE B 208 -29.17 -16.02 -10.85
CA PHE B 208 -27.95 -15.33 -10.36
C PHE B 208 -26.84 -16.35 -10.10
N LYS B 209 -27.19 -17.53 -9.58
CA LYS B 209 -26.17 -18.51 -9.21
C LYS B 209 -25.43 -19.06 -10.44
N ARG B 210 -26.08 -19.05 -11.62
CA ARG B 210 -25.45 -19.49 -12.86
C ARG B 210 -24.65 -18.37 -13.54
N LEU B 211 -24.55 -17.18 -12.93
CA LEU B 211 -23.78 -16.10 -13.52
C LEU B 211 -22.34 -16.15 -13.03
N PRO B 212 -21.33 -16.34 -13.90
CA PRO B 212 -19.95 -16.00 -13.56
C PRO B 212 -19.84 -14.48 -13.34
N ILE B 213 -18.76 -14.06 -12.69
CA ILE B 213 -18.44 -12.67 -12.52
C ILE B 213 -18.04 -12.06 -13.87
N THR B 214 -17.18 -12.77 -14.62
CA THR B 214 -16.62 -12.19 -15.84
C THR B 214 -16.99 -13.03 -17.06
N ALA B 215 -16.71 -12.48 -18.25
CA ALA B 215 -16.79 -13.24 -19.48
C ALA B 215 -15.69 -14.31 -19.50
N PRO B 216 -15.85 -15.40 -20.30
CA PRO B 216 -14.99 -16.57 -20.18
C PRO B 216 -13.51 -16.39 -20.49
N MET B 217 -13.13 -15.29 -21.20
CA MET B 217 -11.74 -15.09 -21.59
C MET B 217 -10.95 -14.54 -20.40
N ALA B 218 -11.63 -14.20 -19.30
CA ALA B 218 -11.00 -13.56 -18.16
C ALA B 218 -10.00 -14.48 -17.47
N LYS B 219 -8.99 -13.87 -16.85
CA LYS B 219 -8.04 -14.58 -15.99
C LYS B 219 -8.67 -14.93 -14.64
N PHE B 220 -9.67 -14.17 -14.21
CA PHE B 220 -10.36 -14.46 -12.97
C PHE B 220 -11.87 -14.29 -13.19
N GLY B 221 -12.65 -15.23 -12.63
CA GLY B 221 -14.07 -15.07 -12.43
C GLY B 221 -14.88 -15.58 -13.62
N GLY B 222 -14.22 -16.28 -14.56
CA GLY B 222 -14.82 -16.65 -15.83
C GLY B 222 -15.81 -17.81 -15.77
N SER B 223 -15.80 -18.58 -14.67
CA SER B 223 -16.79 -19.63 -14.41
C SER B 223 -17.30 -19.52 -12.98
N ILE B 224 -18.44 -20.19 -12.68
CA ILE B 224 -18.95 -20.29 -11.32
C ILE B 224 -18.04 -21.20 -10.50
N ALA C 2 -13.47 32.90 0.79
CA ALA C 2 -13.33 32.41 -0.60
C ALA C 2 -13.14 30.90 -0.60
N PRO C 3 -13.84 30.13 -1.46
CA PRO C 3 -13.56 28.72 -1.63
C PRO C 3 -12.11 28.46 -2.08
N ILE C 4 -11.62 27.26 -1.78
CA ILE C 4 -10.25 26.89 -2.10
C ILE C 4 -10.26 25.62 -2.94
N LEU C 5 -9.55 25.67 -4.08
CA LEU C 5 -9.26 24.51 -4.91
C LEU C 5 -7.79 24.15 -4.79
N GLY C 6 -7.50 22.92 -4.37
CA GLY C 6 -6.15 22.47 -4.18
C GLY C 6 -5.75 21.40 -5.20
N TYR C 7 -4.56 21.54 -5.80
CA TYR C 7 -4.10 20.59 -6.79
C TYR C 7 -2.61 20.77 -7.05
N TRP C 8 -2.03 19.83 -7.82
CA TRP C 8 -0.69 19.96 -8.38
C TRP C 8 -0.66 21.11 -9.38
N LYS C 9 0.56 21.50 -9.73
CA LYS C 9 0.83 22.50 -10.75
C LYS C 9 0.84 21.87 -12.13
N ILE C 10 -0.26 21.17 -12.46
CA ILE C 10 -0.44 20.57 -13.78
C ILE C 10 -1.91 20.81 -14.15
N ARG C 11 -2.27 20.56 -15.41
CA ARG C 11 -3.66 20.64 -15.83
C ARG C 11 -4.39 19.43 -15.25
N GLY C 12 -3.95 18.23 -15.65
CA GLY C 12 -4.30 16.98 -14.97
C GLY C 12 -5.81 16.74 -14.94
N LEU C 13 -6.27 16.20 -13.80
CA LEU C 13 -7.67 15.91 -13.53
C LEU C 13 -8.46 17.18 -13.24
N CYS C 14 -7.77 18.24 -12.84
CA CYS C 14 -8.43 19.42 -12.31
C CYS C 14 -8.87 20.38 -13.41
N ASP C 15 -8.39 20.16 -14.63
CA ASP C 15 -8.58 21.05 -15.76
C ASP C 15 -10.06 21.36 -16.02
N PRO C 16 -10.99 20.37 -16.10
CA PRO C 16 -12.40 20.72 -16.35
C PRO C 16 -13.05 21.54 -15.24
N ILE C 17 -12.62 21.32 -13.98
CA ILE C 17 -13.08 22.16 -12.87
C ILE C 17 -12.66 23.63 -13.10
N ARG C 18 -11.40 23.86 -13.44
CA ARG C 18 -10.90 25.21 -13.60
C ARG C 18 -11.58 25.89 -14.78
N LEU C 19 -11.85 25.13 -15.86
CA LEU C 19 -12.55 25.72 -16.99
C LEU C 19 -13.97 26.11 -16.58
N LEU C 20 -14.67 25.25 -15.81
CA LEU C 20 -16.00 25.56 -15.35
C LEU C 20 -16.00 26.85 -14.53
N LEU C 21 -15.02 26.99 -13.63
CA LEU C 21 -14.89 28.15 -12.75
C LEU C 21 -14.52 29.39 -13.58
N ALA C 22 -13.70 29.22 -14.63
CA ALA C 22 -13.36 30.33 -15.53
C ALA C 22 -14.60 30.80 -16.29
N HIS C 23 -15.44 29.87 -16.78
CA HIS C 23 -16.65 30.24 -17.49
C HIS C 23 -17.63 31.01 -16.58
N THR C 24 -17.80 30.55 -15.33
CA THR C 24 -18.81 31.13 -14.43
C THR C 24 -18.28 32.39 -13.73
N GLY C 25 -16.96 32.64 -13.81
CA GLY C 25 -16.38 33.80 -13.19
C GLY C 25 -16.29 33.68 -11.66
N GLN C 26 -16.48 32.48 -11.09
CA GLN C 26 -16.50 32.37 -9.63
C GLN C 26 -15.09 32.68 -9.13
N GLU C 27 -15.01 33.49 -8.07
CA GLU C 27 -13.74 33.75 -7.42
C GLU C 27 -13.41 32.55 -6.54
N TYR C 28 -12.12 32.20 -6.54
CA TYR C 28 -11.63 31.11 -5.71
C TYR C 28 -10.13 31.29 -5.55
N GLU C 29 -9.57 30.76 -4.46
CA GLU C 29 -8.14 30.68 -4.29
C GLU C 29 -7.67 29.35 -4.85
N MET C 30 -6.66 29.38 -5.74
CA MET C 30 -6.01 28.17 -6.21
C MET C 30 -4.81 27.86 -5.30
N LYS C 31 -4.89 26.76 -4.54
CA LYS C 31 -3.78 26.33 -3.70
C LYS C 31 -3.00 25.26 -4.47
N GLU C 32 -1.72 25.54 -4.80
CA GLU C 32 -0.93 24.65 -5.63
C GLU C 32 0.16 23.97 -4.81
N TYR C 33 0.33 22.66 -5.05
CA TYR C 33 1.34 21.84 -4.38
C TYR C 33 2.42 21.47 -5.38
N SER C 34 3.65 21.83 -5.06
CA SER C 34 4.73 21.64 -6.00
C SER C 34 5.20 20.19 -5.90
N ILE C 35 5.78 19.69 -7.00
CA ILE C 35 6.46 18.42 -7.06
C ILE C 35 7.95 18.68 -7.26
N GLY C 36 8.78 18.18 -6.35
CA GLY C 36 10.22 18.37 -6.45
C GLY C 36 10.79 17.64 -7.68
N PRO C 37 12.09 17.86 -8.00
CA PRO C 37 12.67 17.31 -9.22
C PRO C 37 12.89 15.81 -9.13
N GLU C 38 13.16 15.17 -10.29
CA GLU C 38 13.63 13.80 -10.33
C GLU C 38 14.91 13.67 -9.50
N PRO C 39 15.22 12.50 -8.89
CA PRO C 39 14.36 11.31 -8.98
C PRO C 39 13.37 11.09 -7.85
N GLY C 40 13.40 11.98 -6.85
CA GLY C 40 12.67 11.83 -5.61
C GLY C 40 11.26 12.43 -5.63
N TYR C 41 11.01 13.39 -6.53
CA TYR C 41 9.68 13.94 -6.78
C TYR C 41 8.99 14.33 -5.48
N ASP C 42 9.67 15.14 -4.67
CA ASP C 42 9.22 15.45 -3.31
C ASP C 42 7.85 16.10 -3.35
N ILE C 43 6.95 15.60 -2.48
CA ILE C 43 5.61 16.15 -2.36
C ILE C 43 5.30 16.54 -0.91
N SER C 44 6.29 17.13 -0.22
CA SER C 44 6.21 17.29 1.21
C SER C 44 5.15 18.33 1.58
N GLU C 45 4.99 19.35 0.72
CA GLU C 45 3.99 20.39 0.91
C GLU C 45 2.61 19.76 1.07
N TRP C 46 2.28 18.79 0.21
CA TRP C 46 0.98 18.13 0.24
C TRP C 46 0.82 17.26 1.49
N LEU C 47 1.83 16.46 1.81
CA LEU C 47 1.74 15.56 2.94
C LEU C 47 1.59 16.34 4.26
N ASP C 48 2.13 17.56 4.32
CA ASP C 48 2.08 18.38 5.53
C ASP C 48 0.65 18.88 5.80
N GLU C 49 -0.21 18.91 4.77
CA GLU C 49 -1.59 19.38 4.92
C GLU C 49 -2.60 18.24 4.74
N LYS C 50 -2.20 17.17 4.06
CA LYS C 50 -3.07 16.09 3.62
C LYS C 50 -4.01 15.59 4.72
N PHE C 51 -3.49 15.42 5.95
CA PHE C 51 -4.23 14.82 7.05
C PHE C 51 -4.84 15.89 7.94
N ASN C 52 -4.52 17.16 7.65
CA ASN C 52 -4.90 18.28 8.49
C ASN C 52 -6.09 19.01 7.91
N LEU C 53 -6.69 18.51 6.84
CA LEU C 53 -7.71 19.28 6.13
C LEU C 53 -9.11 18.74 6.38
N GLY C 54 -9.20 17.61 7.09
CA GLY C 54 -10.49 17.06 7.49
C GLY C 54 -11.26 16.43 6.32
N LEU C 55 -10.53 16.04 5.27
CA LEU C 55 -11.07 15.41 4.08
C LEU C 55 -11.35 13.94 4.33
N ASP C 56 -12.47 13.44 3.81
CA ASP C 56 -12.87 12.07 4.03
C ASP C 56 -11.96 11.14 3.23
N PHE C 57 -11.70 11.52 1.96
CA PHE C 57 -10.86 10.73 1.07
C PHE C 57 -9.70 11.60 0.62
N PRO C 58 -8.65 11.76 1.46
CA PRO C 58 -7.67 12.83 1.27
C PRO C 58 -6.99 12.61 -0.07
N ASN C 59 -7.11 13.59 -0.96
CA ASN C 59 -6.56 13.45 -2.30
C ASN C 59 -6.56 14.80 -2.98
N LEU C 60 -5.86 14.89 -4.12
CA LEU C 60 -5.93 16.07 -4.95
C LEU C 60 -6.59 15.73 -6.29
N PRO C 61 -7.50 16.56 -6.83
CA PRO C 61 -7.89 17.83 -6.21
C PRO C 61 -8.82 17.75 -4.99
N TYR C 62 -8.79 18.81 -4.16
CA TYR C 62 -9.82 19.02 -3.15
C TYR C 62 -10.49 20.37 -3.39
N TYR C 63 -11.72 20.48 -2.88
CA TYR C 63 -12.48 21.72 -2.89
C TYR C 63 -13.04 21.94 -1.49
N ILE C 64 -12.68 23.07 -0.90
CA ILE C 64 -13.11 23.41 0.45
C ILE C 64 -13.74 24.80 0.41
N ASP C 65 -14.90 24.93 1.07
CA ASP C 65 -15.55 26.22 1.19
C ASP C 65 -16.16 26.33 2.60
N LYS C 66 -15.41 26.96 3.52
CA LYS C 66 -15.79 27.12 4.92
C LYS C 66 -17.19 27.69 5.07
N ASP C 67 -17.50 28.70 4.25
CA ASP C 67 -18.75 29.44 4.38
C ASP C 67 -19.95 28.55 4.06
N GLU C 68 -19.80 27.69 3.06
CA GLU C 68 -20.88 26.80 2.64
C GLU C 68 -20.80 25.48 3.42
N GLY C 69 -19.73 25.30 4.21
CA GLY C 69 -19.52 24.11 5.01
C GLY C 69 -19.31 22.85 4.17
N VAL C 70 -18.59 22.96 3.05
CA VAL C 70 -18.34 21.79 2.22
C VAL C 70 -16.85 21.51 2.15
N LYS C 71 -16.55 20.21 2.02
CA LYS C 71 -15.22 19.66 1.88
C LYS C 71 -15.34 18.47 0.95
N ILE C 72 -14.70 18.55 -0.24
CA ILE C 72 -14.92 17.60 -1.32
C ILE C 72 -13.59 17.17 -1.89
N THR C 73 -13.42 15.84 -2.06
CA THR C 73 -12.47 15.31 -3.04
C THR C 73 -13.23 14.50 -4.09
N GLN C 74 -12.49 13.93 -5.05
CA GLN C 74 -13.00 13.22 -6.21
C GLN C 74 -13.47 14.21 -7.30
N THR C 75 -12.74 14.26 -8.42
CA THR C 75 -12.91 15.28 -9.44
C THR C 75 -14.37 15.43 -9.86
N VAL C 76 -15.04 14.31 -10.09
CA VAL C 76 -16.40 14.28 -10.61
C VAL C 76 -17.38 14.78 -9.55
N ALA C 77 -17.14 14.47 -8.27
CA ALA C 77 -18.01 14.96 -7.21
C ALA C 77 -17.87 16.48 -7.10
N ILE C 78 -16.64 16.98 -7.29
CA ILE C 78 -16.41 18.40 -7.20
C ILE C 78 -17.15 19.06 -8.34
N ILE C 79 -17.02 18.48 -9.54
CA ILE C 79 -17.52 19.18 -10.71
C ILE C 79 -19.05 19.19 -10.70
N ARG C 80 -19.65 18.15 -10.15
CA ARG C 80 -21.11 18.06 -10.13
C ARG C 80 -21.63 19.03 -9.09
N TYR C 81 -20.97 19.08 -7.93
CA TYR C 81 -21.28 20.09 -6.93
C TYR C 81 -21.31 21.49 -7.57
N LEU C 82 -20.24 21.86 -8.29
CA LEU C 82 -20.13 23.18 -8.90
C LEU C 82 -21.17 23.37 -10.00
N ALA C 83 -21.48 22.31 -10.73
CA ALA C 83 -22.49 22.39 -11.76
C ALA C 83 -23.86 22.73 -11.16
N ARG C 84 -24.22 22.06 -10.05
CA ARG C 84 -25.54 22.31 -9.46
C ARG C 84 -25.58 23.76 -8.93
N LYS C 85 -24.48 24.22 -8.34
CA LYS C 85 -24.41 25.54 -7.75
C LYS C 85 -24.57 26.62 -8.83
N HIS C 86 -24.01 26.36 -10.03
CA HIS C 86 -23.89 27.37 -11.08
C HIS C 86 -24.91 27.12 -12.20
N GLY C 87 -25.79 26.12 -12.00
CA GLY C 87 -26.90 25.91 -12.93
C GLY C 87 -26.48 25.27 -14.24
N LEU C 88 -25.37 24.51 -14.24
CA LEU C 88 -24.84 23.83 -15.40
C LEU C 88 -25.20 22.34 -15.40
N VAL C 89 -26.45 22.03 -15.03
CA VAL C 89 -26.95 20.65 -15.05
C VAL C 89 -28.17 20.57 -15.97
N GLY C 90 -28.63 19.35 -16.21
CA GLY C 90 -29.85 19.10 -16.96
C GLY C 90 -31.05 19.77 -16.32
N GLU C 91 -32.00 20.26 -17.16
CA GLU C 91 -33.23 20.87 -16.66
C GLU C 91 -34.41 19.90 -16.83
N SER C 92 -34.13 18.69 -17.35
CA SER C 92 -35.13 17.64 -17.43
C SER C 92 -34.44 16.29 -17.34
N ASP C 93 -35.17 15.21 -17.02
CA ASP C 93 -34.56 13.89 -16.92
C ASP C 93 -33.95 13.51 -18.27
N GLU C 94 -34.58 13.93 -19.36
CA GLU C 94 -34.08 13.64 -20.70
C GLU C 94 -32.68 14.21 -20.93
N GLU C 95 -32.48 15.50 -20.58
CA GLU C 95 -31.17 16.13 -20.65
C GLU C 95 -30.18 15.45 -19.70
N THR C 96 -30.62 15.10 -18.49
CA THR C 96 -29.72 14.53 -17.50
C THR C 96 -29.19 13.20 -18.00
N ILE C 97 -30.07 12.38 -18.61
CA ILE C 97 -29.64 11.08 -19.11
C ILE C 97 -28.56 11.29 -20.19
N LYS C 98 -28.78 12.28 -21.07
CA LYS C 98 -27.79 12.54 -22.11
C LYS C 98 -26.47 12.99 -21.49
N ILE C 99 -26.55 13.93 -20.55
CA ILE C 99 -25.36 14.44 -19.89
C ILE C 99 -24.59 13.30 -19.23
N GLU C 100 -25.31 12.36 -18.61
CA GLU C 100 -24.63 11.38 -17.79
C GLU C 100 -24.04 10.28 -18.66
N MET C 101 -24.66 9.97 -19.81
CA MET C 101 -24.06 9.03 -20.75
C MET C 101 -22.73 9.63 -21.24
N VAL C 102 -22.73 10.90 -21.65
CA VAL C 102 -21.52 11.50 -22.18
C VAL C 102 -20.48 11.60 -21.07
N GLU C 103 -20.93 11.87 -19.83
CA GLU C 103 -20.06 12.02 -18.68
C GLU C 103 -19.22 10.74 -18.47
N GLN C 104 -19.87 9.57 -18.54
CA GLN C 104 -19.20 8.31 -18.38
C GLN C 104 -18.22 8.04 -19.51
N GLN C 105 -18.60 8.39 -20.73
CA GLN C 105 -17.68 8.27 -21.86
C GLN C 105 -16.44 9.14 -21.56
N ALA C 106 -16.65 10.38 -21.09
CA ALA C 106 -15.52 11.28 -20.88
C ALA C 106 -14.60 10.70 -19.83
N ILE C 107 -15.20 10.16 -18.77
CA ILE C 107 -14.44 9.56 -17.69
C ILE C 107 -13.62 8.38 -18.22
N GLU C 108 -14.18 7.54 -19.09
CA GLU C 108 -13.47 6.37 -19.58
C GLU C 108 -12.26 6.82 -20.41
N LEU C 109 -12.45 7.77 -21.32
CA LEU C 109 -11.36 8.34 -22.10
C LEU C 109 -10.26 8.87 -21.17
N THR C 110 -10.68 9.57 -20.11
CA THR C 110 -9.76 10.26 -19.21
C THR C 110 -8.91 9.25 -18.43
N LEU C 111 -9.55 8.18 -17.95
CA LEU C 111 -8.90 7.19 -17.11
C LEU C 111 -7.97 6.31 -17.94
N THR C 112 -8.36 6.01 -19.18
CA THR C 112 -7.45 5.29 -20.06
C THR C 112 -6.23 6.17 -20.36
N CYS C 113 -6.42 7.47 -20.64
CA CYS C 113 -5.27 8.36 -20.94
C CYS C 113 -4.37 8.47 -19.72
N LYS C 114 -4.96 8.65 -18.56
CA LYS C 114 -4.23 8.72 -17.30
C LYS C 114 -3.29 7.52 -17.17
N ARG C 115 -3.78 6.30 -17.45
CA ARG C 115 -2.96 5.11 -17.32
C ARG C 115 -1.85 5.10 -18.38
N ALA C 116 -2.16 5.52 -19.60
CA ALA C 116 -1.18 5.54 -20.67
C ALA C 116 -0.07 6.56 -20.37
N PHE C 117 -0.48 7.79 -20.04
CA PHE C 117 0.44 8.89 -19.83
C PHE C 117 1.41 8.62 -18.69
N TYR C 118 0.99 7.87 -17.65
CA TYR C 118 1.86 7.57 -16.52
C TYR C 118 2.42 6.15 -16.58
N SER C 119 2.45 5.54 -17.76
CA SER C 119 2.99 4.20 -17.90
C SER C 119 4.41 4.11 -17.35
N LYS C 120 4.77 2.90 -16.86
CA LYS C 120 6.02 2.65 -16.15
C LYS C 120 7.22 2.66 -17.09
N ASP C 121 7.04 2.03 -18.27
CA ASP C 121 8.16 1.94 -19.24
C ASP C 121 7.63 2.15 -20.66
N ASP C 122 8.50 1.98 -21.67
CA ASP C 122 8.11 2.14 -23.06
C ASP C 122 7.19 1.00 -23.49
N ASP C 123 7.44 -0.20 -22.98
CA ASP C 123 6.63 -1.38 -23.24
C ASP C 123 5.15 -1.11 -22.90
N GLN C 124 4.89 -0.69 -21.66
CA GLN C 124 3.54 -0.46 -21.14
C GLN C 124 2.88 0.71 -21.89
N PHE C 125 3.69 1.72 -22.24
CA PHE C 125 3.21 2.92 -22.91
C PHE C 125 2.75 2.58 -24.32
N ASN C 126 3.55 1.78 -25.05
CA ASN C 126 3.23 1.47 -26.43
C ASN C 126 2.04 0.53 -26.47
N GLN C 127 1.87 -0.34 -25.46
CA GLN C 127 0.69 -1.17 -25.33
C GLN C 127 -0.58 -0.30 -25.25
N LEU C 128 -0.57 0.67 -24.34
CA LEU C 128 -1.76 1.47 -24.09
C LEU C 128 -1.96 2.49 -25.22
N LYS C 129 -0.87 2.90 -25.85
CA LYS C 129 -0.95 3.75 -27.03
C LYS C 129 -1.69 2.97 -28.12
N GLU C 130 -1.31 1.71 -28.31
CA GLU C 130 -1.96 0.88 -29.33
C GLU C 130 -3.46 0.85 -29.08
N GLU C 131 -3.83 0.64 -27.82
CA GLU C 131 -5.22 0.52 -27.44
C GLU C 131 -5.91 1.83 -27.82
N ILE C 132 -5.29 2.98 -27.51
CA ILE C 132 -5.90 4.28 -27.76
C ILE C 132 -6.10 4.52 -29.27
N LEU C 133 -5.05 4.28 -30.07
CA LEU C 133 -5.11 4.51 -31.50
C LEU C 133 -6.13 3.59 -32.18
N THR C 134 -6.40 2.44 -31.56
CA THR C 134 -7.25 1.40 -32.12
C THR C 134 -8.71 1.65 -31.75
N SER C 135 -8.98 1.96 -30.47
CA SER C 135 -10.34 1.97 -29.97
C SER C 135 -10.91 3.39 -30.00
N PHE C 136 -10.07 4.42 -29.87
CA PHE C 136 -10.60 5.77 -29.72
C PHE C 136 -11.29 6.31 -30.97
N PRO C 137 -10.83 6.04 -32.20
CA PRO C 137 -11.50 6.56 -33.39
C PRO C 137 -13.01 6.29 -33.40
N ARG C 138 -13.39 5.06 -33.08
CA ARG C 138 -14.82 4.69 -33.02
C ARG C 138 -15.51 5.53 -31.95
N LYS C 139 -14.86 5.70 -30.79
CA LYS C 139 -15.52 6.41 -29.69
C LYS C 139 -15.71 7.89 -30.03
N LEU C 140 -14.78 8.48 -30.82
CA LEU C 140 -14.88 9.86 -31.22
C LEU C 140 -15.98 10.00 -32.27
N ILE C 141 -16.10 9.02 -33.16
CA ILE C 141 -17.19 9.01 -34.13
C ILE C 141 -18.55 8.94 -33.40
N ASP C 142 -18.67 8.06 -32.41
CA ASP C 142 -19.91 7.93 -31.66
C ASP C 142 -20.26 9.25 -30.96
N LEU C 143 -19.25 9.91 -30.36
CA LEU C 143 -19.45 11.22 -29.75
C LEU C 143 -19.87 12.28 -30.77
N ALA C 144 -19.23 12.30 -31.95
CA ALA C 144 -19.59 13.27 -32.98
C ALA C 144 -21.02 13.03 -33.43
N LYS C 145 -21.40 11.76 -33.63
CA LYS C 145 -22.74 11.42 -34.05
C LYS C 145 -23.76 11.86 -32.99
N PHE C 146 -23.41 11.71 -31.71
CA PHE C 146 -24.30 12.14 -30.64
C PHE C 146 -24.45 13.66 -30.67
N LEU C 147 -23.34 14.40 -30.85
CA LEU C 147 -23.39 15.86 -30.81
C LEU C 147 -24.21 16.38 -31.99
N GLY C 148 -24.08 15.72 -33.15
CA GLY C 148 -24.80 16.10 -34.35
C GLY C 148 -24.43 17.52 -34.75
N GLU C 149 -25.46 18.32 -35.06
CA GLU C 149 -25.32 19.72 -35.44
C GLU C 149 -25.41 20.62 -34.21
N ASN C 150 -25.53 20.05 -33.02
CA ASN C 150 -25.65 20.87 -31.81
C ASN C 150 -24.36 21.62 -31.51
N GLN C 151 -24.51 22.70 -30.71
CA GLN C 151 -23.39 23.49 -30.25
C GLN C 151 -22.64 22.79 -29.11
N TYR C 152 -23.43 22.26 -28.17
CA TYR C 152 -22.98 21.54 -26.98
C TYR C 152 -23.81 20.26 -26.86
N ILE C 153 -23.51 19.45 -25.85
CA ILE C 153 -24.07 18.13 -25.70
C ILE C 153 -25.61 18.16 -25.70
N ILE C 154 -26.25 19.03 -24.91
CA ILE C 154 -27.70 19.09 -24.86
C ILE C 154 -28.21 20.20 -25.76
N GLY C 155 -27.38 20.75 -26.65
CA GLY C 155 -27.89 21.64 -27.69
C GLY C 155 -27.27 23.03 -27.50
N ASP C 156 -28.10 24.04 -27.39
CA ASP C 156 -27.62 25.43 -27.37
C ASP C 156 -27.01 25.82 -26.02
N ARG C 157 -27.31 25.10 -24.95
CA ARG C 157 -26.85 25.48 -23.63
C ARG C 157 -25.67 24.60 -23.22
N ILE C 158 -24.60 25.23 -22.72
CA ILE C 158 -23.45 24.50 -22.25
C ILE C 158 -23.74 23.99 -20.85
N THR C 159 -23.23 22.80 -20.54
CA THR C 159 -23.36 22.14 -19.24
C THR C 159 -22.03 21.55 -18.81
N TYR C 160 -21.97 20.98 -17.60
CA TYR C 160 -20.67 20.71 -16.99
C TYR C 160 -19.89 19.72 -17.84
N VAL C 161 -20.59 18.78 -18.50
N VAL C 161 -20.59 18.79 -18.49
CA VAL C 161 -19.92 17.70 -19.20
CA VAL C 161 -19.90 17.72 -19.19
C VAL C 161 -19.15 18.25 -20.40
C VAL C 161 -19.16 18.24 -20.41
N ASP C 162 -19.58 19.42 -20.94
CA ASP C 162 -18.88 20.01 -22.06
C ASP C 162 -17.47 20.35 -21.63
N PHE C 163 -17.29 20.81 -20.39
CA PHE C 163 -15.97 21.09 -19.85
C PHE C 163 -15.14 19.82 -19.70
N MET C 164 -15.75 18.73 -19.21
CA MET C 164 -15.06 17.44 -19.07
C MET C 164 -14.64 16.95 -20.46
N LEU C 165 -15.53 17.03 -21.43
CA LEU C 165 -15.26 16.52 -22.76
C LEU C 165 -14.19 17.34 -23.43
N TRP C 166 -14.31 18.67 -23.33
CA TRP C 166 -13.35 19.56 -23.94
C TRP C 166 -11.94 19.22 -23.46
N SER C 167 -11.81 19.07 -22.16
CA SER C 167 -10.52 18.82 -21.52
C SER C 167 -9.87 17.56 -22.09
N ILE C 168 -10.59 16.44 -22.13
CA ILE C 168 -9.99 15.19 -22.55
C ILE C 168 -9.75 15.21 -24.07
N LEU C 169 -10.64 15.84 -24.86
CA LEU C 169 -10.38 15.97 -26.28
C LEU C 169 -9.14 16.84 -26.53
N ASP C 170 -8.95 17.88 -25.70
CA ASP C 170 -7.80 18.76 -25.89
C ASP C 170 -6.52 17.96 -25.62
N TYR C 171 -6.54 17.09 -24.57
CA TYR C 171 -5.39 16.27 -24.25
C TYR C 171 -5.09 15.31 -25.42
N LEU C 172 -6.12 14.69 -25.99
CA LEU C 172 -5.95 13.72 -27.06
C LEU C 172 -5.41 14.38 -28.32
N ARG C 173 -5.93 15.56 -28.67
CA ARG C 173 -5.47 16.39 -29.77
C ARG C 173 -3.97 16.63 -29.63
N LEU C 174 -3.50 16.91 -28.40
CA LEU C 174 -2.09 17.20 -28.16
C LEU C 174 -1.26 15.92 -28.16
N PHE C 175 -1.90 14.79 -27.79
CA PHE C 175 -1.25 13.49 -27.73
C PHE C 175 -1.09 12.90 -29.13
N GLU C 176 -2.18 12.88 -29.91
CA GLU C 176 -2.16 12.33 -31.26
C GLU C 176 -3.20 13.07 -32.11
N GLU C 177 -2.75 14.09 -32.87
CA GLU C 177 -3.63 15.00 -33.59
C GLU C 177 -4.49 14.26 -34.62
N SER C 178 -3.94 13.19 -35.23
CA SER C 178 -4.63 12.51 -36.33
C SER C 178 -5.89 11.80 -35.82
N LEU C 179 -6.06 11.64 -34.50
CA LEU C 179 -7.29 11.05 -33.98
C LEU C 179 -8.53 11.85 -34.41
N PHE C 180 -8.36 13.14 -34.76
CA PHE C 180 -9.50 13.98 -35.18
C PHE C 180 -9.85 13.94 -36.69
N ASP C 181 -9.29 12.95 -37.41
CA ASP C 181 -9.52 12.84 -38.88
C ASP C 181 -10.94 12.35 -39.20
N GLU C 182 -11.64 11.75 -38.24
CA GLU C 182 -13.01 11.33 -38.50
C GLU C 182 -13.99 12.40 -37.97
N ALA C 183 -13.49 13.48 -37.34
CA ALA C 183 -14.32 14.47 -36.66
C ALA C 183 -13.78 15.90 -36.79
N SER C 184 -14.08 16.56 -37.92
CA SER C 184 -14.01 18.00 -37.98
C SER C 184 -15.01 18.64 -37.02
N SER C 185 -16.12 17.94 -36.74
CA SER C 185 -17.16 18.48 -35.84
C SER C 185 -16.61 18.63 -34.42
N LEU C 186 -15.78 17.69 -33.96
CA LEU C 186 -15.23 17.81 -32.62
C LEU C 186 -14.21 18.93 -32.53
N LYS C 187 -13.51 19.23 -33.62
CA LYS C 187 -12.60 20.38 -33.68
C LYS C 187 -13.38 21.68 -33.60
N ASP C 188 -14.51 21.74 -34.33
CA ASP C 188 -15.40 22.89 -34.19
C ASP C 188 -15.87 23.05 -32.75
N TYR C 189 -16.16 21.93 -32.08
CA TYR C 189 -16.58 21.95 -30.69
C TYR C 189 -15.49 22.49 -29.79
N LEU C 190 -14.25 22.02 -29.99
CA LEU C 190 -13.11 22.52 -29.23
C LEU C 190 -13.00 24.04 -29.40
N THR C 191 -13.04 24.50 -30.67
CA THR C 191 -12.87 25.92 -31.00
C THR C 191 -13.99 26.76 -30.38
N ARG C 192 -15.23 26.24 -30.47
CA ARG C 192 -16.41 26.92 -29.96
C ARG C 192 -16.27 27.17 -28.47
N ILE C 193 -15.78 26.17 -27.72
CA ILE C 193 -15.74 26.33 -26.28
C ILE C 193 -14.57 27.25 -25.89
N GLU C 194 -13.42 27.08 -26.55
CA GLU C 194 -12.24 27.92 -26.38
C GLU C 194 -12.53 29.41 -26.58
N SER C 195 -13.55 29.72 -27.41
CA SER C 195 -13.89 31.08 -27.78
C SER C 195 -14.86 31.74 -26.77
N LEU C 196 -15.43 30.99 -25.85
CA LEU C 196 -16.23 31.60 -24.78
C LEU C 196 -15.36 32.57 -23.96
N PRO C 197 -15.83 33.79 -23.59
CA PRO C 197 -14.99 34.76 -22.93
C PRO C 197 -14.22 34.31 -21.70
N GLY C 198 -14.86 33.53 -20.84
CA GLY C 198 -14.19 33.18 -19.60
C GLY C 198 -13.04 32.20 -19.85
N ILE C 199 -13.23 31.30 -20.81
CA ILE C 199 -12.29 30.27 -21.20
C ILE C 199 -11.06 30.87 -21.88
N GLU C 200 -11.34 31.80 -22.81
CA GLU C 200 -10.32 32.53 -23.57
C GLU C 200 -9.41 33.28 -22.60
N LYS C 201 -10.01 33.91 -21.59
CA LYS C 201 -9.27 34.61 -20.56
C LYS C 201 -8.42 33.64 -19.74
N TYR C 202 -8.98 32.47 -19.39
CA TYR C 202 -8.22 31.50 -18.61
C TYR C 202 -7.08 30.96 -19.46
N ARG C 203 -7.34 30.53 -20.69
CA ARG C 203 -6.31 29.85 -21.48
C ARG C 203 -5.23 30.82 -21.94
N SER C 204 -5.52 32.12 -21.98
CA SER C 204 -4.48 33.05 -22.38
C SER C 204 -3.73 33.61 -21.15
N SER C 205 -4.17 33.20 -19.96
CA SER C 205 -3.46 33.61 -18.71
C SER C 205 -2.13 32.87 -18.62
N ASP C 206 -1.14 33.46 -17.96
CA ASP C 206 0.19 32.82 -17.78
C ASP C 206 0.04 31.63 -16.83
N ASP C 207 -0.86 31.74 -15.85
CA ASP C 207 -1.06 30.66 -14.84
C ASP C 207 -1.42 29.35 -15.57
N PHE C 208 -2.14 29.44 -16.69
CA PHE C 208 -2.52 28.24 -17.47
C PHE C 208 -1.39 27.86 -18.43
N LYS C 209 -0.72 28.85 -19.01
CA LYS C 209 0.30 28.56 -20.02
C LYS C 209 1.54 27.90 -19.43
N ARG C 210 1.81 28.09 -18.13
CA ARG C 210 2.90 27.39 -17.44
C ARG C 210 2.51 26.00 -16.92
N LEU C 211 1.29 25.54 -17.22
CA LEU C 211 0.82 24.26 -16.64
C LEU C 211 1.03 23.11 -17.62
N PRO C 212 1.86 22.09 -17.30
CA PRO C 212 1.98 20.90 -18.15
C PRO C 212 0.72 20.06 -17.93
N ILE C 213 0.44 19.14 -18.86
CA ILE C 213 -0.78 18.29 -18.75
C ILE C 213 -0.60 17.30 -17.60
N THR C 214 0.62 16.76 -17.43
CA THR C 214 0.83 15.72 -16.43
C THR C 214 1.93 16.14 -15.46
N ALA C 215 2.09 15.32 -14.39
CA ALA C 215 3.24 15.46 -13.51
C ALA C 215 4.51 15.02 -14.23
N PRO C 216 5.72 15.44 -13.78
CA PRO C 216 6.96 15.23 -14.53
C PRO C 216 7.40 13.79 -14.77
N MET C 217 6.88 12.84 -13.99
CA MET C 217 7.30 11.44 -14.10
C MET C 217 6.55 10.78 -15.27
N ALA C 218 5.60 11.49 -15.88
CA ALA C 218 4.80 10.94 -16.98
C ALA C 218 5.65 10.63 -18.22
N LYS C 219 5.21 9.66 -19.01
CA LYS C 219 5.78 9.40 -20.32
C LYS C 219 5.33 10.43 -21.35
N PHE C 220 4.16 11.04 -21.14
CA PHE C 220 3.68 12.09 -22.03
C PHE C 220 3.15 13.26 -21.22
N GLY C 221 3.45 14.48 -21.67
CA GLY C 221 2.74 15.69 -21.25
C GLY C 221 3.35 16.31 -20.01
N GLY C 222 4.56 15.85 -19.64
CA GLY C 222 5.23 16.30 -18.43
C GLY C 222 5.90 17.67 -18.56
N SER C 223 6.02 18.20 -19.80
CA SER C 223 6.56 19.53 -20.05
C SER C 223 5.58 20.38 -20.87
N ILE C 224 5.77 21.71 -20.83
CA ILE C 224 4.80 22.68 -21.34
C ILE C 224 4.71 22.65 -22.88
N ALA D 2 18.51 -10.79 43.03
CA ALA D 2 17.40 -10.51 42.09
C ALA D 2 17.95 -9.94 40.79
N PRO D 3 17.50 -10.40 39.61
CA PRO D 3 17.87 -9.77 38.35
C PRO D 3 17.42 -8.30 38.28
N ILE D 4 18.10 -7.54 37.43
CA ILE D 4 17.84 -6.12 37.29
C ILE D 4 17.56 -5.84 35.82
N LEU D 5 16.44 -5.16 35.55
CA LEU D 5 16.14 -4.61 34.23
C LEU D 5 16.25 -3.09 34.29
N GLY D 6 17.07 -2.53 33.41
CA GLY D 6 17.30 -1.08 33.38
C GLY D 6 16.78 -0.45 32.09
N TYR D 7 16.07 0.66 32.23
CA TYR D 7 15.51 1.34 31.07
C TYR D 7 15.05 2.75 31.47
N TRP D 8 14.67 3.53 30.44
CA TRP D 8 13.99 4.80 30.61
C TRP D 8 12.61 4.56 31.19
N LYS D 9 11.98 5.65 31.63
CA LYS D 9 10.63 5.67 32.17
C LYS D 9 9.61 5.78 31.04
N ILE D 10 9.69 4.88 30.06
CA ILE D 10 8.78 4.83 28.93
C ILE D 10 8.51 3.37 28.67
N ARG D 11 7.48 3.08 27.85
CA ARG D 11 7.25 1.71 27.41
C ARG D 11 8.36 1.30 26.44
N GLY D 12 8.44 2.02 25.32
CA GLY D 12 9.58 1.99 24.42
C GLY D 12 9.89 0.59 23.89
N LEU D 13 11.19 0.29 23.76
CA LEU D 13 11.71 -0.99 23.32
C LEU D 13 11.55 -2.06 24.37
N CYS D 14 11.46 -1.68 25.65
CA CYS D 14 11.47 -2.69 26.75
C CYS D 14 10.06 -3.25 27.04
N ASP D 15 9.02 -2.70 26.43
CA ASP D 15 7.63 -3.14 26.74
C ASP D 15 7.49 -4.67 26.64
N PRO D 16 7.87 -5.34 25.54
CA PRO D 16 7.68 -6.79 25.42
C PRO D 16 8.40 -7.58 26.52
N ILE D 17 9.62 -7.16 26.90
CA ILE D 17 10.34 -7.79 27.98
C ILE D 17 9.50 -7.73 29.26
N ARG D 18 8.99 -6.55 29.61
CA ARG D 18 8.22 -6.39 30.83
C ARG D 18 6.95 -7.23 30.76
N LEU D 19 6.32 -7.33 29.59
CA LEU D 19 5.14 -8.18 29.48
C LEU D 19 5.50 -9.65 29.71
N LEU D 20 6.61 -10.11 29.10
CA LEU D 20 7.04 -11.49 29.29
C LEU D 20 7.29 -11.79 30.79
N LEU D 21 7.97 -10.86 31.48
CA LEU D 21 8.26 -10.98 32.91
C LEU D 21 6.97 -10.93 33.73
N ALA D 22 6.00 -10.10 33.32
CA ALA D 22 4.70 -10.05 34.01
C ALA D 22 3.95 -11.37 33.85
N HIS D 23 3.94 -11.96 32.63
CA HIS D 23 3.29 -13.24 32.41
C HIS D 23 3.89 -14.35 33.27
N THR D 24 5.22 -14.42 33.34
CA THR D 24 5.92 -15.52 34.00
C THR D 24 6.02 -15.29 35.51
N GLY D 25 5.73 -14.09 35.98
CA GLY D 25 5.73 -13.81 37.41
C GLY D 25 7.16 -13.65 37.96
N GLN D 26 8.17 -13.52 37.10
CA GLN D 26 9.54 -13.51 37.59
C GLN D 26 9.73 -12.23 38.40
N GLU D 27 10.38 -12.34 39.55
CA GLU D 27 10.70 -11.18 40.37
C GLU D 27 11.93 -10.53 39.76
N TYR D 28 11.93 -9.20 39.75
CA TYR D 28 13.06 -8.44 39.26
C TYR D 28 12.97 -7.02 39.80
N GLU D 29 14.13 -6.35 39.89
CA GLU D 29 14.18 -4.93 40.21
C GLU D 29 14.14 -4.15 38.90
N MET D 30 13.22 -3.18 38.80
CA MET D 30 13.17 -2.27 37.65
C MET D 30 14.00 -1.03 37.98
N LYS D 31 15.13 -0.85 37.31
CA LYS D 31 15.96 0.35 37.50
C LYS D 31 15.63 1.36 36.40
N GLU D 32 15.10 2.53 36.78
CA GLU D 32 14.63 3.52 35.82
C GLU D 32 15.54 4.74 35.78
N TYR D 33 15.79 5.24 34.57
CA TYR D 33 16.63 6.41 34.32
C TYR D 33 15.73 7.54 33.81
N SER D 34 15.77 8.67 34.50
CA SER D 34 14.90 9.77 34.12
C SER D 34 15.56 10.56 32.99
N ILE D 35 14.72 11.26 32.20
CA ILE D 35 15.17 12.20 31.18
C ILE D 35 14.88 13.64 31.60
N GLY D 36 15.90 14.49 31.58
CA GLY D 36 15.74 15.87 31.97
C GLY D 36 14.86 16.65 30.99
N PRO D 37 14.47 17.90 31.33
CA PRO D 37 13.46 18.61 30.55
C PRO D 37 14.03 19.12 29.23
N GLU D 38 13.15 19.58 28.35
CA GLU D 38 13.55 20.32 27.16
C GLU D 38 14.34 21.57 27.57
N PRO D 39 15.26 22.09 26.73
CA PRO D 39 15.59 21.49 25.43
C PRO D 39 16.80 20.55 25.39
N GLY D 40 17.46 20.37 26.54
CA GLY D 40 18.69 19.60 26.62
C GLY D 40 18.51 18.10 26.91
N TYR D 41 17.36 17.71 27.48
CA TYR D 41 17.00 16.30 27.69
C TYR D 41 18.13 15.53 28.37
N ASP D 42 18.58 16.06 29.51
CA ASP D 42 19.70 15.51 30.24
C ASP D 42 19.43 14.04 30.64
N ILE D 43 20.45 13.20 30.48
CA ILE D 43 20.40 11.79 30.83
C ILE D 43 21.53 11.41 31.79
N SER D 44 21.82 12.27 32.76
CA SER D 44 23.04 12.15 33.54
C SER D 44 22.98 10.93 34.48
N GLU D 45 21.78 10.60 34.96
CA GLU D 45 21.55 9.40 35.77
C GLU D 45 22.12 8.16 35.06
N TRP D 46 21.84 8.03 33.76
CA TRP D 46 22.29 6.88 32.97
C TRP D 46 23.80 6.90 32.77
N LEU D 47 24.33 8.05 32.39
CA LEU D 47 25.76 8.17 32.11
C LEU D 47 26.59 7.87 33.37
N ASP D 48 26.04 8.12 34.56
CA ASP D 48 26.74 7.87 35.81
C ASP D 48 26.95 6.37 36.07
N GLU D 49 26.11 5.51 35.47
CA GLU D 49 26.24 4.06 35.63
C GLU D 49 26.71 3.38 34.34
N LYS D 50 26.50 4.03 33.19
CA LYS D 50 26.64 3.42 31.87
C LYS D 50 27.93 2.61 31.71
N PHE D 51 29.05 3.16 32.18
CA PHE D 51 30.37 2.56 31.96
C PHE D 51 30.78 1.70 33.15
N ASN D 52 29.96 1.73 34.21
CA ASN D 52 30.33 1.11 35.47
C ASN D 52 29.63 -0.23 35.63
N LEU D 53 28.92 -0.70 34.60
CA LEU D 53 28.06 -1.87 34.75
C LEU D 53 28.65 -3.10 34.06
N GLY D 54 29.78 -2.92 33.36
CA GLY D 54 30.52 -4.04 32.79
C GLY D 54 29.83 -4.63 31.55
N LEU D 55 28.98 -3.82 30.90
CA LEU D 55 28.22 -4.21 29.71
C LEU D 55 29.09 -4.13 28.47
N ASP D 56 28.93 -5.11 27.58
CA ASP D 56 29.73 -5.17 26.38
C ASP D 56 29.31 -4.08 25.40
N PHE D 57 28.00 -3.91 25.25
CA PHE D 57 27.42 -2.92 24.36
C PHE D 57 26.52 -2.00 25.17
N PRO D 58 27.09 -1.02 25.90
CA PRO D 58 26.38 -0.34 26.97
C PRO D 58 25.20 0.38 26.32
N ASN D 59 24.00 0.05 26.77
CA ASN D 59 22.81 0.63 26.17
C ASN D 59 21.61 0.30 27.07
N LEU D 60 20.50 0.98 26.82
CA LEU D 60 19.25 0.63 27.47
C LEU D 60 18.26 0.05 26.46
N PRO D 61 17.51 -1.02 26.78
CA PRO D 61 17.59 -1.69 28.08
C PRO D 61 18.82 -2.58 28.33
N TYR D 62 19.11 -2.80 29.61
CA TYR D 62 20.04 -3.84 30.01
C TYR D 62 19.33 -4.81 30.96
N TYR D 63 19.87 -6.02 31.01
CA TYR D 63 19.46 -7.05 31.94
C TYR D 63 20.71 -7.61 32.60
N ILE D 64 20.74 -7.51 33.92
CA ILE D 64 21.85 -8.03 34.69
C ILE D 64 21.31 -8.99 35.74
N ASP D 65 21.95 -10.15 35.88
CA ASP D 65 21.61 -11.08 36.94
C ASP D 65 22.91 -11.67 37.51
N LYS D 66 23.41 -11.06 38.61
CA LYS D 66 24.67 -11.44 39.25
C LYS D 66 24.71 -12.94 39.53
N ASP D 67 23.60 -13.49 40.03
CA ASP D 67 23.55 -14.88 40.48
C ASP D 67 23.76 -15.83 39.31
N GLU D 68 23.16 -15.51 38.16
CA GLU D 68 23.28 -16.35 36.97
C GLU D 68 24.52 -15.96 36.15
N GLY D 69 25.18 -14.86 36.54
CA GLY D 69 26.37 -14.38 35.85
C GLY D 69 26.09 -13.89 34.44
N VAL D 70 24.94 -13.24 34.21
CA VAL D 70 24.64 -12.73 32.89
C VAL D 70 24.53 -11.21 32.92
N LYS D 71 24.97 -10.59 31.83
CA LYS D 71 24.88 -9.16 31.58
C LYS D 71 24.57 -9.01 30.10
N ILE D 72 23.39 -8.46 29.79
CA ILE D 72 22.82 -8.47 28.44
C ILE D 72 22.29 -7.08 28.10
N THR D 73 22.65 -6.60 26.92
CA THR D 73 21.92 -5.55 26.24
C THR D 73 21.43 -6.11 24.89
N GLN D 74 20.71 -5.24 24.16
CA GLN D 74 19.98 -5.56 22.94
C GLN D 74 18.64 -6.24 23.29
N THR D 75 17.51 -5.55 23.05
CA THR D 75 16.20 -5.96 23.50
C THR D 75 15.91 -7.41 23.12
N VAL D 76 16.22 -7.79 21.87
CA VAL D 76 15.88 -9.09 21.34
C VAL D 76 16.76 -10.17 21.98
N ALA D 77 18.02 -9.85 22.30
CA ALA D 77 18.88 -10.83 22.96
C ALA D 77 18.37 -11.05 24.37
N ILE D 78 17.87 -9.99 25.02
CA ILE D 78 17.33 -10.11 26.34
C ILE D 78 16.12 -11.00 26.28
N ILE D 79 15.23 -10.73 25.31
CA ILE D 79 13.95 -11.39 25.35
C ILE D 79 14.12 -12.87 25.00
N ARG D 80 15.12 -13.19 24.16
CA ARG D 80 15.34 -14.59 23.78
C ARG D 80 15.94 -15.31 24.96
N TYR D 81 16.90 -14.67 25.65
CA TYR D 81 17.45 -15.21 26.89
C TYR D 81 16.31 -15.60 27.83
N LEU D 82 15.39 -14.66 28.10
CA LEU D 82 14.28 -14.89 29.03
C LEU D 82 13.34 -15.96 28.48
N ALA D 83 13.13 -15.98 27.18
CA ALA D 83 12.28 -17.00 26.59
C ALA D 83 12.83 -18.39 26.84
N ARG D 84 14.15 -18.58 26.62
CA ARG D 84 14.72 -19.90 26.81
C ARG D 84 14.61 -20.30 28.29
N LYS D 85 14.87 -19.36 29.19
CA LYS D 85 14.84 -19.61 30.62
C LYS D 85 13.44 -20.04 31.08
N HIS D 86 12.40 -19.43 30.50
CA HIS D 86 11.02 -19.57 30.97
C HIS D 86 10.24 -20.51 30.04
N GLY D 87 10.91 -21.12 29.04
CA GLY D 87 10.28 -22.13 28.20
C GLY D 87 9.30 -21.56 27.17
N LEU D 88 9.49 -20.30 26.76
CA LEU D 88 8.65 -19.63 25.77
C LEU D 88 9.27 -19.63 24.38
N VAL D 89 9.84 -20.77 23.98
CA VAL D 89 10.44 -20.91 22.65
C VAL D 89 9.77 -22.05 21.90
N GLY D 90 10.12 -22.20 20.62
CA GLY D 90 9.69 -23.33 19.81
C GLY D 90 10.12 -24.67 20.42
N GLU D 91 9.28 -25.71 20.24
CA GLU D 91 9.59 -27.08 20.70
C GLU D 91 10.02 -27.95 19.52
N SER D 92 10.04 -27.39 18.32
CA SER D 92 10.49 -28.08 17.11
C SER D 92 11.00 -27.02 16.12
N ASP D 93 11.78 -27.44 15.12
CA ASP D 93 12.34 -26.55 14.12
C ASP D 93 11.19 -25.86 13.39
N GLU D 94 10.08 -26.58 13.17
CA GLU D 94 8.92 -26.05 12.48
C GLU D 94 8.34 -24.83 13.21
N GLU D 95 8.14 -24.95 14.53
CA GLU D 95 7.68 -23.86 15.36
C GLU D 95 8.69 -22.70 15.38
N THR D 96 9.99 -23.04 15.48
CA THR D 96 11.01 -22.02 15.59
C THR D 96 11.05 -21.18 14.32
N ILE D 97 10.89 -21.83 13.16
CA ILE D 97 10.88 -21.10 11.89
C ILE D 97 9.73 -20.10 11.89
N LYS D 98 8.55 -20.56 12.34
CA LYS D 98 7.42 -19.66 12.37
C LYS D 98 7.66 -18.49 13.31
N ILE D 99 8.16 -18.79 14.50
CA ILE D 99 8.46 -17.76 15.49
C ILE D 99 9.42 -16.73 14.91
N GLU D 100 10.44 -17.21 14.19
CA GLU D 100 11.51 -16.31 13.79
C GLU D 100 11.10 -15.47 12.60
N MET D 101 10.25 -16.00 11.71
CA MET D 101 9.70 -15.16 10.64
C MET D 101 8.89 -14.02 11.28
N VAL D 102 8.00 -14.33 12.23
CA VAL D 102 7.14 -13.31 12.80
C VAL D 102 7.99 -12.32 13.60
N GLU D 103 9.06 -12.82 14.21
CA GLU D 103 9.98 -12.00 15.00
C GLU D 103 10.58 -10.87 14.16
N GLN D 104 11.01 -11.19 12.96
CA GLN D 104 11.59 -10.22 12.05
C GLN D 104 10.54 -9.22 11.58
N GLN D 105 9.32 -9.68 11.30
CA GLN D 105 8.23 -8.77 11.01
C GLN D 105 8.03 -7.78 12.16
N ALA D 106 8.00 -8.29 13.41
CA ALA D 106 7.74 -7.40 14.53
C ALA D 106 8.85 -6.36 14.63
N ILE D 107 10.09 -6.80 14.46
CA ILE D 107 11.23 -5.90 14.53
C ILE D 107 11.15 -4.83 13.44
N GLU D 108 10.74 -5.20 12.21
CA GLU D 108 10.66 -4.22 11.13
C GLU D 108 9.61 -3.15 11.45
N LEU D 109 8.42 -3.59 11.87
CA LEU D 109 7.36 -2.68 12.29
C LEU D 109 7.87 -1.72 13.37
N THR D 110 8.61 -2.27 14.33
CA THR D 110 9.07 -1.53 15.50
C THR D 110 10.05 -0.43 15.08
N LEU D 111 11.00 -0.79 14.20
CA LEU D 111 12.07 0.10 13.83
C LEU D 111 11.55 1.20 12.90
N THR D 112 10.61 0.86 12.02
CA THR D 112 9.93 1.89 11.26
C THR D 112 9.19 2.86 12.17
N CYS D 113 8.45 2.36 13.18
CA CYS D 113 7.69 3.23 14.08
C CYS D 113 8.64 4.12 14.87
N LYS D 114 9.72 3.53 15.38
CA LYS D 114 10.75 4.28 16.09
C LYS D 114 11.18 5.49 15.25
N ARG D 115 11.44 5.33 13.95
CA ARG D 115 11.94 6.44 13.13
C ARG D 115 10.84 7.49 12.95
N ALA D 116 9.59 7.04 12.77
CA ALA D 116 8.47 7.95 12.62
C ALA D 116 8.23 8.75 13.90
N PHE D 117 8.12 8.04 15.02
CA PHE D 117 7.77 8.61 16.31
C PHE D 117 8.79 9.65 16.76
N TYR D 118 10.07 9.44 16.41
CA TYR D 118 11.12 10.37 16.82
C TYR D 118 11.56 11.27 15.65
N SER D 119 10.66 11.51 14.71
CA SER D 119 10.96 12.39 13.59
C SER D 119 11.43 13.75 14.09
N LYS D 120 12.29 14.42 13.31
CA LYS D 120 12.85 15.73 13.71
C LYS D 120 11.76 16.81 13.69
N ASP D 121 10.95 16.87 12.62
CA ASP D 121 9.93 17.94 12.50
C ASP D 121 8.62 17.38 11.94
N ASP D 122 7.59 18.22 11.85
CA ASP D 122 6.28 17.79 11.29
C ASP D 122 6.48 17.31 9.85
N ASP D 123 7.33 17.99 9.08
CA ASP D 123 7.59 17.55 7.71
C ASP D 123 7.97 16.07 7.64
N GLN D 124 9.01 15.70 8.40
CA GLN D 124 9.56 14.34 8.44
C GLN D 124 8.52 13.37 8.99
N PHE D 125 7.73 13.81 9.98
CA PHE D 125 6.73 13.00 10.63
C PHE D 125 5.59 12.67 9.67
N ASN D 126 5.11 13.68 8.93
CA ASN D 126 3.99 13.46 8.03
C ASN D 126 4.44 12.59 6.85
N GLN D 127 5.70 12.72 6.43
CA GLN D 127 6.26 11.86 5.40
C GLN D 127 6.27 10.39 5.85
N LEU D 128 6.76 10.14 7.06
CA LEU D 128 6.86 8.74 7.56
C LEU D 128 5.47 8.22 7.90
N LYS D 129 4.57 9.10 8.38
CA LYS D 129 3.18 8.68 8.67
C LYS D 129 2.54 8.17 7.37
N GLU D 130 2.73 8.90 6.27
CA GLU D 130 2.15 8.50 4.96
C GLU D 130 2.67 7.10 4.60
N GLU D 131 3.98 6.87 4.77
CA GLU D 131 4.59 5.56 4.43
C GLU D 131 3.88 4.47 5.25
N ILE D 132 3.70 4.70 6.55
CA ILE D 132 3.05 3.68 7.44
C ILE D 132 1.62 3.44 6.97
N LEU D 133 0.85 4.52 6.75
CA LEU D 133 -0.58 4.37 6.36
C LEU D 133 -0.70 3.68 5.00
N THR D 134 0.38 3.67 4.21
CA THR D 134 0.34 3.08 2.86
C THR D 134 0.87 1.63 2.89
N SER D 135 1.93 1.38 3.66
CA SER D 135 2.57 0.07 3.63
C SER D 135 2.03 -0.87 4.73
N PHE D 136 1.65 -0.34 5.88
CA PHE D 136 1.32 -1.19 7.02
C PHE D 136 0.04 -2.01 6.86
N PRO D 137 -1.05 -1.50 6.27
CA PRO D 137 -2.26 -2.32 6.12
C PRO D 137 -1.98 -3.70 5.50
N ARG D 138 -1.19 -3.72 4.43
CA ARG D 138 -0.78 -4.99 3.82
C ARG D 138 -0.05 -5.87 4.83
N LYS D 139 0.89 -5.30 5.59
CA LYS D 139 1.67 -6.07 6.56
C LYS D 139 0.80 -6.66 7.68
N LEU D 140 -0.26 -5.93 8.06
CA LEU D 140 -1.17 -6.40 9.08
C LEU D 140 -2.06 -7.51 8.52
N ILE D 141 -2.44 -7.38 7.24
CA ILE D 141 -3.20 -8.44 6.58
C ILE D 141 -2.36 -9.73 6.55
N ASP D 142 -1.07 -9.61 6.20
CA ASP D 142 -0.22 -10.78 6.10
C ASP D 142 -0.08 -11.45 7.48
N LEU D 143 0.08 -10.64 8.54
CA LEU D 143 0.13 -11.16 9.91
C LEU D 143 -1.18 -11.84 10.30
N ALA D 144 -2.34 -11.22 9.97
CA ALA D 144 -3.62 -11.82 10.27
C ALA D 144 -3.76 -13.17 9.57
N LYS D 145 -3.41 -13.20 8.29
CA LYS D 145 -3.49 -14.44 7.51
C LYS D 145 -2.58 -15.52 8.12
N PHE D 146 -1.40 -15.13 8.61
CA PHE D 146 -0.49 -16.11 9.18
C PHE D 146 -1.10 -16.65 10.47
N LEU D 147 -1.67 -15.78 11.31
CA LEU D 147 -2.24 -16.22 12.57
C LEU D 147 -3.42 -17.15 12.33
N GLY D 148 -4.22 -16.87 11.31
CA GLY D 148 -5.39 -17.66 10.98
C GLY D 148 -6.37 -17.68 12.15
N GLU D 149 -6.87 -18.88 12.46
CA GLU D 149 -7.80 -19.10 13.57
C GLU D 149 -7.03 -19.43 14.85
N ASN D 150 -5.69 -19.37 14.83
CA ASN D 150 -4.90 -19.68 16.00
C ASN D 150 -5.07 -18.65 17.10
N GLN D 151 -4.81 -19.08 18.35
CA GLN D 151 -4.83 -18.23 19.53
C GLN D 151 -3.59 -17.34 19.58
N TYR D 152 -2.42 -17.95 19.32
CA TYR D 152 -1.12 -17.32 19.27
C TYR D 152 -0.38 -17.78 18.02
N ILE D 153 0.84 -17.26 17.81
CA ILE D 153 1.58 -17.47 16.58
C ILE D 153 1.76 -18.97 16.27
N ILE D 154 2.19 -19.78 17.24
CA ILE D 154 2.35 -21.22 16.97
C ILE D 154 1.13 -22.01 17.43
N GLY D 155 0.02 -21.34 17.73
CA GLY D 155 -1.25 -22.05 17.94
C GLY D 155 -1.73 -21.85 19.37
N ASP D 156 -1.93 -22.94 20.13
CA ASP D 156 -2.53 -22.82 21.45
C ASP D 156 -1.54 -22.31 22.51
N ARG D 157 -0.23 -22.44 22.28
CA ARG D 157 0.77 -22.06 23.28
C ARG D 157 1.36 -20.69 22.94
N ILE D 158 1.44 -19.83 23.96
CA ILE D 158 2.02 -18.51 23.79
C ILE D 158 3.54 -18.66 23.87
N THR D 159 4.24 -17.83 23.10
CA THR D 159 5.70 -17.79 23.03
C THR D 159 6.18 -16.35 23.00
N TYR D 160 7.48 -16.14 23.04
CA TYR D 160 8.02 -14.82 23.32
C TYR D 160 7.59 -13.81 22.26
N VAL D 161 7.43 -14.28 21.01
CA VAL D 161 7.15 -13.37 19.92
C VAL D 161 5.77 -12.77 20.05
N ASP D 162 4.86 -13.46 20.75
CA ASP D 162 3.52 -12.95 20.96
C ASP D 162 3.62 -11.64 21.73
N PHE D 163 4.54 -11.58 22.69
CA PHE D 163 4.77 -10.36 23.45
C PHE D 163 5.34 -9.26 22.54
N MET D 164 6.31 -9.58 21.66
CA MET D 164 6.87 -8.59 20.75
C MET D 164 5.78 -8.05 19.80
N LEU D 165 4.95 -8.95 19.27
CA LEU D 165 3.93 -8.56 18.33
C LEU D 165 2.86 -7.73 19.02
N TRP D 166 2.44 -8.16 20.21
CA TRP D 166 1.41 -7.47 20.97
C TRP D 166 1.83 -6.02 21.18
N SER D 167 3.08 -5.83 21.59
CA SER D 167 3.59 -4.53 21.95
C SER D 167 3.52 -3.57 20.76
N ILE D 168 4.00 -4.01 19.59
CA ILE D 168 4.06 -3.10 18.45
C ILE D 168 2.65 -2.88 17.89
N LEU D 169 1.77 -3.90 17.93
CA LEU D 169 0.39 -3.69 17.51
C LEU D 169 -0.31 -2.74 18.47
N ASP D 170 0.03 -2.81 19.77
CA ASP D 170 -0.61 -1.93 20.74
C ASP D 170 -0.20 -0.48 20.44
N TYR D 171 1.07 -0.25 20.10
CA TYR D 171 1.54 1.08 19.74
C TYR D 171 0.83 1.58 18.47
N LEU D 172 0.66 0.72 17.47
CA LEU D 172 0.03 1.10 16.23
C LEU D 172 -1.44 1.46 16.42
N ARG D 173 -2.15 0.65 17.20
CA ARG D 173 -3.53 0.86 17.59
C ARG D 173 -3.68 2.27 18.18
N LEU D 174 -2.72 2.68 19.01
CA LEU D 174 -2.79 3.95 19.70
C LEU D 174 -2.36 5.08 18.77
N PHE D 175 -1.53 4.77 17.76
CA PHE D 175 -1.02 5.73 16.80
C PHE D 175 -2.10 6.02 15.76
N GLU D 176 -2.69 4.96 15.17
CA GLU D 176 -3.75 5.12 14.18
C GLU D 176 -4.70 3.92 14.26
N GLU D 177 -5.83 4.07 14.96
CA GLU D 177 -6.76 2.97 15.25
C GLU D 177 -7.32 2.33 13.97
N SER D 178 -7.52 3.13 12.92
CA SER D 178 -8.16 2.63 11.70
C SER D 178 -7.29 1.58 11.00
N LEU D 179 -5.98 1.49 11.34
CA LEU D 179 -5.13 0.47 10.77
C LEU D 179 -5.71 -0.94 10.96
N PHE D 180 -6.48 -1.15 12.03
CA PHE D 180 -7.02 -2.51 12.32
C PHE D 180 -8.40 -2.69 11.68
N ASP D 181 -8.64 -2.09 10.50
CA ASP D 181 -9.94 -2.24 9.80
C ASP D 181 -9.88 -3.42 8.83
N GLU D 182 -8.69 -3.99 8.61
CA GLU D 182 -8.54 -5.19 7.75
C GLU D 182 -8.25 -6.39 8.65
N ALA D 183 -8.19 -6.16 9.97
CA ALA D 183 -7.88 -7.21 10.94
C ALA D 183 -8.63 -7.01 12.27
N SER D 184 -9.91 -7.41 12.30
CA SER D 184 -10.62 -7.73 13.53
C SER D 184 -9.89 -8.81 14.33
N SER D 185 -9.25 -9.74 13.61
CA SER D 185 -8.54 -10.88 14.17
C SER D 185 -7.36 -10.42 15.03
N LEU D 186 -6.68 -9.33 14.63
CA LEU D 186 -5.55 -8.87 15.43
C LEU D 186 -6.04 -8.15 16.68
N LYS D 187 -7.22 -7.53 16.64
CA LYS D 187 -7.82 -6.91 17.82
C LYS D 187 -8.20 -8.01 18.82
N ASP D 188 -8.77 -9.10 18.33
CA ASP D 188 -9.02 -10.28 19.18
C ASP D 188 -7.71 -10.77 19.82
N TYR D 189 -6.61 -10.78 19.04
CA TYR D 189 -5.30 -11.22 19.54
C TYR D 189 -4.80 -10.29 20.64
N LEU D 190 -4.93 -8.99 20.43
CA LEU D 190 -4.60 -8.01 21.46
C LEU D 190 -5.39 -8.28 22.75
N THR D 191 -6.71 -8.45 22.61
CA THR D 191 -7.61 -8.64 23.74
C THR D 191 -7.25 -9.93 24.48
N ARG D 192 -6.96 -10.98 23.72
CA ARG D 192 -6.69 -12.31 24.26
C ARG D 192 -5.44 -12.23 25.15
N ILE D 193 -4.41 -11.52 24.69
CA ILE D 193 -3.18 -11.52 25.46
C ILE D 193 -3.33 -10.61 26.69
N GLU D 194 -3.96 -9.45 26.52
CA GLU D 194 -4.31 -8.51 27.59
C GLU D 194 -5.08 -9.16 28.74
N SER D 195 -5.83 -10.23 28.43
CA SER D 195 -6.68 -10.93 29.38
C SER D 195 -5.92 -11.99 30.20
N LEU D 196 -4.69 -12.35 29.82
CA LEU D 196 -3.90 -13.26 30.63
C LEU D 196 -3.63 -12.65 32.02
N PRO D 197 -3.76 -13.39 33.14
CA PRO D 197 -3.68 -12.79 34.48
C PRO D 197 -2.45 -11.93 34.77
N GLY D 198 -1.28 -12.35 34.31
CA GLY D 198 -0.07 -11.62 34.66
C GLY D 198 -0.02 -10.28 33.94
N ILE D 199 -0.53 -10.25 32.70
CA ILE D 199 -0.53 -9.07 31.83
C ILE D 199 -1.53 -8.04 32.35
N GLU D 200 -2.73 -8.54 32.71
CA GLU D 200 -3.82 -7.75 33.26
C GLU D 200 -3.33 -7.04 34.53
N LYS D 201 -2.61 -7.78 35.38
CA LYS D 201 -2.04 -7.22 36.60
C LYS D 201 -1.01 -6.14 36.26
N TYR D 202 -0.15 -6.41 35.26
CA TYR D 202 0.87 -5.42 34.91
C TYR D 202 0.19 -4.16 34.32
N ARG D 203 -0.71 -4.34 33.35
CA ARG D 203 -1.28 -3.18 32.65
C ARG D 203 -2.22 -2.38 33.54
N SER D 204 -2.74 -2.97 34.60
CA SER D 204 -3.62 -2.19 35.48
C SER D 204 -2.84 -1.59 36.64
N SER D 205 -1.52 -1.82 36.72
CA SER D 205 -0.68 -1.26 37.78
C SER D 205 -0.34 0.21 37.47
N ASP D 206 -0.12 0.99 38.52
CA ASP D 206 0.18 2.44 38.33
C ASP D 206 1.53 2.60 37.63
N ASP D 207 2.44 1.65 37.85
CA ASP D 207 3.80 1.72 37.25
C ASP D 207 3.69 1.74 35.73
N PHE D 208 2.75 0.98 35.16
CA PHE D 208 2.57 0.91 33.69
C PHE D 208 1.73 2.09 33.21
N LYS D 209 0.74 2.50 34.00
CA LYS D 209 -0.18 3.55 33.56
C LYS D 209 0.50 4.91 33.47
N ARG D 210 1.58 5.14 34.22
CA ARG D 210 2.34 6.39 34.14
C ARG D 210 3.40 6.36 33.04
N LEU D 211 3.51 5.27 32.26
CA LEU D 211 4.55 5.19 31.24
C LEU D 211 4.02 5.72 29.91
N PRO D 212 4.61 6.81 29.34
CA PRO D 212 4.40 7.13 27.95
C PRO D 212 5.00 6.04 27.06
N ILE D 213 4.61 6.02 25.77
CA ILE D 213 5.20 5.12 24.80
C ILE D 213 6.66 5.51 24.53
N THR D 214 6.90 6.81 24.34
CA THR D 214 8.19 7.28 23.86
C THR D 214 8.78 8.26 24.86
N ALA D 215 10.06 8.61 24.63
CA ALA D 215 10.70 9.68 25.37
C ALA D 215 10.08 11.02 24.97
N PRO D 216 10.24 12.09 25.79
CA PRO D 216 9.46 13.32 25.62
C PRO D 216 9.71 14.12 24.33
N MET D 217 10.85 13.85 23.67
CA MET D 217 11.21 14.62 22.48
C MET D 217 10.44 14.11 21.27
N ALA D 218 9.75 12.96 21.42
CA ALA D 218 9.07 12.32 20.30
C ALA D 218 7.93 13.19 19.75
N LYS D 219 7.63 13.01 18.46
CA LYS D 219 6.48 13.64 17.85
C LYS D 219 5.19 12.90 18.22
N PHE D 220 5.30 11.61 18.55
CA PHE D 220 4.14 10.85 18.99
C PHE D 220 4.50 10.05 20.23
N GLY D 221 3.58 10.05 21.21
CA GLY D 221 3.58 9.10 22.30
C GLY D 221 4.41 9.56 23.48
N GLY D 222 4.80 10.83 23.50
CA GLY D 222 5.65 11.39 24.54
C GLY D 222 4.95 11.66 25.87
N SER D 223 3.61 11.64 25.90
CA SER D 223 2.81 11.80 27.11
C SER D 223 1.83 10.62 27.30
N ILE D 224 1.32 10.46 28.53
CA ILE D 224 0.63 9.25 28.97
C ILE D 224 -0.74 9.11 28.27
#